data_4XSR
#
_entry.id   4XSR
#
_cell.length_a   130.228
_cell.length_b   130.228
_cell.length_c   157.359
_cell.angle_alpha   90.00
_cell.angle_beta   90.00
_cell.angle_gamma   120.00
#
_symmetry.space_group_name_H-M   'P 32 2 1'
#
loop_
_entity.id
_entity.type
_entity.pdbx_description
1 polymer 'Alr3699 protein'
2 non-polymer '4-(2-HYDROXYETHYL)-1-PIPERAZINE ETHANESULFONIC ACID'
3 non-polymer 'SULFATE ION'
4 non-polymer "URIDINE-5'-DIPHOSPHATE-GLUCOSE"
5 water water
#
_entity_poly.entity_id   1
_entity_poly.type   'polypeptide(L)'
_entity_poly.pdbx_seq_one_letter_code
;HHHHHHMKILFLDQSGKPGGAELCLIDIAKPYRDRALVGLFADGAFKTLLEQHHIPVEVFTNQPIQVRKQSNLLQAFGSL
GQLAPLVAKVVQTAHEYDLIYANTQKALVVGAIASFIARRPLVYHLHDILSPEHFSQTNLRVAVNLANRFASLVIANSQA
SQTAFIQAGGRAELTKVIYNGFDINLYKTSPSDISKLRQQLGVANNFVVGHFSRLSPWKGQHILIDALAQCPPQVTAILV
GDALFGEQDYVKELHQQITRLGLENRVKFLGFRADIPQLMAACDLVAHTSTAPEPFGRVIVEAMLCGKPVVAAKAGGAME
LVEHGVNGFLTTPGESQELANIINTCIEDTQKTATIASNAQAIASQRFDVVTINQQIAETLSSLGFTR
;
_entity_poly.pdbx_strand_id   B,A
#
# COMPACT_ATOMS: atom_id res chain seq x y z
N HIS A 6 -24.27 9.35 -18.57
CA HIS A 6 -23.41 8.13 -18.71
C HIS A 6 -22.00 8.44 -18.19
N MET A 7 -21.69 7.92 -17.00
CA MET A 7 -20.40 8.17 -16.37
C MET A 7 -19.32 7.20 -16.81
N LYS A 8 -18.08 7.68 -16.86
CA LYS A 8 -16.93 6.84 -17.13
C LYS A 8 -16.61 6.10 -15.85
N ILE A 9 -16.62 4.77 -15.88
CA ILE A 9 -16.38 4.00 -14.66
C ILE A 9 -15.16 3.12 -14.80
N LEU A 10 -14.32 3.16 -13.76
CA LEU A 10 -13.21 2.25 -13.66
C LEU A 10 -13.58 1.12 -12.70
N PHE A 11 -13.88 -0.05 -13.27
CA PHE A 11 -14.14 -1.23 -12.49
C PHE A 11 -12.80 -1.87 -12.16
N LEU A 12 -12.65 -2.33 -10.93
CA LEU A 12 -11.47 -3.09 -10.56
C LEU A 12 -11.83 -4.46 -9.99
N ASP A 13 -11.09 -5.47 -10.41
CA ASP A 13 -11.28 -6.82 -9.93
C ASP A 13 -9.93 -7.46 -9.83
N GLN A 14 -9.60 -8.05 -8.70
CA GLN A 14 -8.27 -8.66 -8.58
C GLN A 14 -7.95 -9.88 -9.43
N SER A 15 -8.96 -10.62 -9.88
CA SER A 15 -8.73 -11.95 -10.48
C SER A 15 -8.79 -11.92 -12.00
N GLY A 16 -7.95 -12.74 -12.63
CA GLY A 16 -8.04 -12.96 -14.08
C GLY A 16 -8.82 -14.24 -14.39
N LYS A 17 -9.27 -14.93 -13.34
CA LYS A 17 -10.12 -16.11 -13.48
C LYS A 17 -11.60 -15.74 -13.32
N PRO A 18 -12.51 -16.43 -14.04
CA PRO A 18 -13.95 -16.21 -13.98
C PRO A 18 -14.69 -16.90 -12.79
N GLY A 19 -14.41 -16.41 -11.59
CA GLY A 19 -15.16 -16.77 -10.42
C GLY A 19 -16.51 -16.08 -10.47
N GLY A 20 -17.33 -16.32 -9.44
CA GLY A 20 -18.69 -15.73 -9.43
C GLY A 20 -18.74 -14.22 -9.49
N ALA A 21 -17.86 -13.57 -8.74
CA ALA A 21 -17.84 -12.11 -8.69
C ALA A 21 -17.52 -11.52 -10.05
N GLU A 22 -16.64 -12.19 -10.76
CA GLU A 22 -16.22 -11.77 -12.09
C GLU A 22 -17.32 -11.99 -13.11
N LEU A 23 -17.96 -13.15 -13.08
CA LEU A 23 -19.08 -13.36 -14.02
C LEU A 23 -20.16 -12.37 -13.71
N CYS A 24 -20.40 -12.12 -12.41
CA CYS A 24 -21.37 -11.09 -12.06
C CYS A 24 -20.96 -9.74 -12.66
N LEU A 25 -19.67 -9.43 -12.58
CA LEU A 25 -19.14 -8.15 -13.07
C LEU A 25 -19.41 -7.96 -14.54
N ILE A 26 -19.46 -9.04 -15.32
CA ILE A 26 -19.77 -8.91 -16.75
C ILE A 26 -21.09 -8.20 -16.97
N ASP A 27 -22.12 -8.63 -16.25
CA ASP A 27 -23.44 -8.08 -16.43
C ASP A 27 -23.50 -6.67 -15.85
N ILE A 28 -22.82 -6.45 -14.73
CA ILE A 28 -22.82 -5.10 -14.10
C ILE A 28 -22.24 -4.03 -15.04
N ALA A 29 -21.10 -4.37 -15.64
CA ALA A 29 -20.36 -3.46 -16.51
C ALA A 29 -20.89 -3.29 -17.95
N LYS A 30 -21.59 -4.30 -18.47
CA LYS A 30 -21.88 -4.32 -19.90
C LYS A 30 -22.61 -3.06 -20.37
N PRO A 31 -23.62 -2.64 -19.63
CA PRO A 31 -24.28 -1.41 -20.07
C PRO A 31 -23.34 -0.18 -20.10
N TYR A 32 -22.27 -0.19 -19.31
CA TYR A 32 -21.38 0.95 -19.23
C TYR A 32 -20.21 0.86 -20.15
N ARG A 33 -20.15 -0.16 -21.00
CA ARG A 33 -18.89 -0.49 -21.71
C ARG A 33 -18.36 0.53 -22.75
N ASP A 34 -19.23 1.43 -23.22
CA ASP A 34 -18.84 2.46 -24.18
C ASP A 34 -17.80 3.37 -23.56
N ARG A 35 -17.97 3.66 -22.28
CA ARG A 35 -17.14 4.61 -21.56
C ARG A 35 -16.42 4.01 -20.36
N ALA A 36 -16.48 2.70 -20.18
CA ALA A 36 -15.89 2.09 -18.97
C ALA A 36 -14.61 1.38 -19.26
N LEU A 37 -13.88 1.08 -18.20
CA LEU A 37 -12.76 0.16 -18.30
C LEU A 37 -12.82 -0.76 -17.11
N VAL A 38 -12.59 -2.05 -17.35
CA VAL A 38 -12.44 -3.01 -16.29
C VAL A 38 -10.97 -3.28 -16.13
N GLY A 39 -10.45 -3.05 -14.92
CA GLY A 39 -9.05 -3.32 -14.63
C GLY A 39 -8.89 -4.55 -13.78
N LEU A 40 -8.01 -5.44 -14.25
CA LEU A 40 -7.72 -6.70 -13.58
C LEU A 40 -6.31 -6.67 -13.06
N PHE A 41 -6.06 -7.35 -11.96
CA PHE A 41 -4.73 -7.40 -11.40
C PHE A 41 -4.03 -8.68 -11.81
N ALA A 42 -4.57 -9.33 -12.83
CA ALA A 42 -4.01 -10.58 -13.35
C ALA A 42 -4.73 -10.91 -14.63
N ASP A 43 -4.07 -11.72 -15.45
CA ASP A 43 -4.56 -12.12 -16.79
C ASP A 43 -5.14 -13.50 -16.64
N GLY A 44 -6.05 -13.87 -17.54
CA GLY A 44 -6.61 -15.22 -17.56
C GLY A 44 -7.87 -15.20 -18.39
N ALA A 45 -8.65 -16.28 -18.31
CA ALA A 45 -9.85 -16.46 -19.15
C ALA A 45 -10.89 -15.40 -18.96
N PHE A 46 -10.88 -14.75 -17.79
CA PHE A 46 -11.79 -13.64 -17.56
C PHE A 46 -11.51 -12.49 -18.54
N LYS A 47 -10.25 -12.24 -18.85
CA LYS A 47 -9.91 -11.19 -19.84
C LYS A 47 -10.60 -11.52 -21.14
N THR A 48 -10.40 -12.76 -21.57
CA THR A 48 -11.02 -13.27 -22.80
C THR A 48 -12.54 -13.02 -22.77
N LEU A 49 -13.17 -13.38 -21.65
CA LEU A 49 -14.61 -13.23 -21.54
C LEU A 49 -15.05 -11.80 -21.69
N LEU A 50 -14.34 -10.89 -21.02
CA LEU A 50 -14.69 -9.46 -21.17
C LEU A 50 -14.57 -8.95 -22.61
N GLU A 51 -13.53 -9.41 -23.31
CA GLU A 51 -13.38 -9.11 -24.76
C GLU A 51 -14.57 -9.65 -25.57
N GLN A 52 -14.90 -10.93 -25.39
CA GLN A 52 -16.05 -11.50 -26.09
C GLN A 52 -17.31 -10.72 -25.91
N HIS A 53 -17.45 -10.06 -24.75
CA HIS A 53 -18.63 -9.19 -24.47
C HIS A 53 -18.43 -7.70 -24.79
N HIS A 54 -17.27 -7.36 -25.37
CA HIS A 54 -16.92 -6.01 -25.86
C HIS A 54 -16.82 -5.03 -24.70
N ILE A 55 -16.28 -5.52 -23.59
CA ILE A 55 -16.07 -4.65 -22.46
C ILE A 55 -14.58 -4.36 -22.43
N PRO A 56 -14.20 -3.07 -22.53
CA PRO A 56 -12.75 -2.79 -22.53
C PRO A 56 -12.14 -3.29 -21.24
N VAL A 57 -10.98 -3.92 -21.34
CA VAL A 57 -10.31 -4.49 -20.19
C VAL A 57 -8.78 -4.32 -20.29
N GLU A 58 -8.11 -4.26 -19.15
CA GLU A 58 -6.67 -4.11 -19.11
C GLU A 58 -6.09 -4.82 -17.88
N VAL A 59 -5.01 -5.56 -18.07
CA VAL A 59 -4.30 -6.19 -16.98
C VAL A 59 -3.24 -5.25 -16.44
N PHE A 60 -3.40 -4.83 -15.20
CA PHE A 60 -2.36 -4.12 -14.49
C PHE A 60 -1.47 -5.14 -13.80
N THR A 61 -0.16 -4.84 -13.72
CA THR A 61 0.81 -5.76 -13.13
C THR A 61 1.61 -5.04 -12.05
N ASN A 62 2.46 -5.78 -11.35
CA ASN A 62 3.34 -5.15 -10.35
C ASN A 62 4.77 -4.90 -10.86
N GLN A 63 4.97 -4.94 -12.18
CA GLN A 63 6.27 -4.55 -12.80
C GLN A 63 6.47 -3.02 -12.74
N PRO A 64 7.72 -2.54 -12.54
CA PRO A 64 7.87 -1.08 -12.41
C PRO A 64 8.05 -0.36 -13.75
N LEU A 80 7.07 7.80 -4.88
CA LEU A 80 6.36 7.25 -3.71
C LEU A 80 5.57 5.95 -4.00
N GLY A 81 5.03 5.82 -5.21
CA GLY A 81 4.38 4.59 -5.64
C GLY A 81 5.38 3.52 -6.09
N GLN A 82 6.60 3.59 -5.57
CA GLN A 82 7.64 2.64 -5.93
C GLN A 82 7.48 1.37 -5.12
N LEU A 83 6.76 1.49 -4.00
CA LEU A 83 6.39 0.36 -3.14
C LEU A 83 5.39 -0.64 -3.77
N ALA A 84 4.62 -0.16 -4.75
CA ALA A 84 3.52 -0.92 -5.34
C ALA A 84 3.17 -0.35 -6.73
N PRO A 85 3.89 -0.80 -7.76
CA PRO A 85 3.74 -0.28 -9.12
C PRO A 85 2.28 -0.31 -9.61
N LEU A 86 1.65 -1.48 -9.46
CA LEU A 86 0.21 -1.67 -9.74
C LEU A 86 -0.66 -0.55 -9.16
N VAL A 87 -0.46 -0.24 -7.89
CA VAL A 87 -1.28 0.81 -7.27
C VAL A 87 -1.10 2.16 -7.96
N ALA A 88 0.13 2.44 -8.36
CA ALA A 88 0.48 3.70 -9.01
C ALA A 88 -0.18 3.82 -10.36
N LYS A 89 -0.08 2.74 -11.13
CA LYS A 89 -0.72 2.65 -12.44
C LYS A 89 -2.22 2.84 -12.33
N VAL A 90 -2.82 2.24 -11.31
CA VAL A 90 -4.28 2.35 -11.18
C VAL A 90 -4.63 3.76 -10.80
N VAL A 91 -3.86 4.33 -9.86
CA VAL A 91 -4.06 5.75 -9.47
C VAL A 91 -4.02 6.67 -10.69
N GLN A 92 -3.06 6.42 -11.57
CA GLN A 92 -2.90 7.24 -12.76
C GLN A 92 -4.15 7.13 -13.60
N THR A 93 -4.52 5.89 -13.91
CA THR A 93 -5.66 5.58 -14.76
C THR A 93 -6.94 6.19 -14.20
N ALA A 94 -7.08 6.17 -12.89
CA ALA A 94 -8.32 6.54 -12.27
C ALA A 94 -8.66 7.98 -12.52
N HIS A 95 -7.62 8.80 -12.78
CA HIS A 95 -7.80 10.23 -13.13
C HIS A 95 -8.70 10.44 -14.32
N GLU A 96 -8.59 9.54 -15.31
CA GLU A 96 -9.43 9.58 -16.50
C GLU A 96 -10.91 9.16 -16.31
N TYR A 97 -11.33 8.74 -15.10
CA TYR A 97 -12.69 8.21 -14.88
C TYR A 97 -13.46 8.99 -13.83
N ASP A 98 -14.79 8.82 -13.80
CA ASP A 98 -15.64 9.53 -12.81
C ASP A 98 -15.85 8.77 -11.52
N LEU A 99 -15.64 7.45 -11.55
CA LEU A 99 -16.05 6.61 -10.41
C LEU A 99 -15.20 5.38 -10.41
N ILE A 100 -14.88 4.91 -9.22
CA ILE A 100 -14.13 3.66 -9.12
C ILE A 100 -15.04 2.62 -8.48
N TYR A 101 -15.14 1.46 -9.12
CA TYR A 101 -16.10 0.43 -8.72
C TYR A 101 -15.30 -0.79 -8.40
N ALA A 102 -15.05 -0.99 -7.11
CA ALA A 102 -14.21 -2.07 -6.66
C ALA A 102 -15.09 -3.29 -6.44
N ASN A 103 -14.72 -4.40 -7.06
CA ASN A 103 -15.53 -5.61 -7.07
C ASN A 103 -14.97 -6.75 -6.20
N THR A 104 -13.74 -6.60 -5.66
CA THR A 104 -13.15 -7.61 -4.78
C THR A 104 -12.33 -6.98 -3.68
N GLN A 105 -11.90 -7.78 -2.72
CA GLN A 105 -11.20 -7.23 -1.58
C GLN A 105 -9.90 -6.50 -1.93
N LYS A 106 -9.00 -7.14 -2.68
CA LYS A 106 -7.76 -6.46 -3.09
C LYS A 106 -8.07 -5.23 -3.93
N ALA A 107 -9.11 -5.33 -4.76
CA ALA A 107 -9.53 -4.20 -5.54
C ALA A 107 -10.04 -3.07 -4.70
N LEU A 108 -10.52 -3.35 -3.51
CA LEU A 108 -10.95 -2.28 -2.61
C LEU A 108 -9.77 -1.53 -1.98
N VAL A 109 -8.71 -2.26 -1.66
CA VAL A 109 -7.49 -1.68 -1.16
C VAL A 109 -6.90 -0.71 -2.19
N VAL A 110 -6.72 -1.20 -3.40
CA VAL A 110 -6.21 -0.39 -4.49
C VAL A 110 -7.15 0.75 -4.86
N GLY A 111 -8.45 0.47 -4.94
CA GLY A 111 -9.42 1.50 -5.31
C GLY A 111 -9.55 2.60 -4.26
N ALA A 112 -9.39 2.23 -3.00
CA ALA A 112 -9.47 3.19 -1.92
C ALA A 112 -8.30 4.18 -1.98
N ILE A 113 -7.12 3.65 -2.20
CA ILE A 113 -5.93 4.48 -2.37
C ILE A 113 -6.10 5.40 -3.56
N ALA A 114 -6.47 4.83 -4.70
CA ALA A 114 -6.77 5.65 -5.88
C ALA A 114 -7.91 6.61 -5.67
N SER A 115 -8.83 6.28 -4.78
CA SER A 115 -9.97 7.17 -4.55
C SER A 115 -9.50 8.41 -3.79
N PHE A 116 -8.58 8.21 -2.87
CA PHE A 116 -8.00 9.32 -2.10
C PHE A 116 -7.14 10.21 -2.99
N ILE A 117 -6.20 9.61 -3.67
CA ILE A 117 -5.18 10.33 -4.39
C ILE A 117 -5.71 10.98 -5.63
N ALA A 118 -6.52 10.28 -6.43
CA ALA A 118 -7.14 10.90 -7.60
C ALA A 118 -8.41 11.66 -7.27
N ARG A 119 -8.86 11.60 -6.02
CA ARG A 119 -10.09 12.30 -5.62
C ARG A 119 -11.26 11.85 -6.51
N ARG A 120 -11.55 10.56 -6.45
CA ARG A 120 -12.68 9.95 -7.17
C ARG A 120 -13.55 9.14 -6.21
N PRO A 121 -14.87 9.29 -6.34
CA PRO A 121 -15.76 8.46 -5.54
C PRO A 121 -15.56 6.95 -5.78
N LEU A 122 -15.79 6.17 -4.72
CA LEU A 122 -15.55 4.76 -4.71
C LEU A 122 -16.85 4.05 -4.32
N VAL A 123 -17.18 3.05 -5.14
CA VAL A 123 -18.19 2.07 -4.83
C VAL A 123 -17.53 0.75 -4.59
N TYR A 124 -17.98 0.06 -3.55
CA TYR A 124 -17.50 -1.28 -3.28
C TYR A 124 -18.66 -2.25 -3.48
N HIS A 125 -18.50 -3.18 -4.43
CA HIS A 125 -19.48 -4.24 -4.61
C HIS A 125 -19.01 -5.43 -3.84
N LEU A 126 -19.77 -5.74 -2.79
CA LEU A 126 -19.40 -6.78 -1.84
C LEU A 126 -20.06 -8.15 -2.21
N HIS A 127 -19.24 -9.11 -2.64
CA HIS A 127 -19.68 -10.45 -3.02
C HIS A 127 -19.32 -11.49 -1.98
N ASP A 128 -18.75 -11.05 -0.86
CA ASP A 128 -18.30 -11.96 0.19
C ASP A 128 -19.10 -11.74 1.44
N ILE A 129 -19.01 -12.72 2.33
CA ILE A 129 -19.55 -12.61 3.66
C ILE A 129 -18.32 -12.39 4.53
N LEU A 130 -18.19 -11.18 5.04
CA LEU A 130 -17.00 -10.80 5.81
C LEU A 130 -17.14 -11.32 7.21
N SER A 131 -16.86 -12.60 7.38
CA SER A 131 -16.95 -13.26 8.70
C SER A 131 -15.67 -14.02 8.99
N PRO A 132 -15.40 -14.29 10.25
CA PRO A 132 -14.23 -15.04 10.64
C PRO A 132 -14.17 -16.41 9.98
N GLU A 133 -15.34 -16.96 9.69
CA GLU A 133 -15.45 -18.27 9.06
C GLU A 133 -14.87 -18.25 7.65
N HIS A 134 -15.01 -17.13 6.94
CA HIS A 134 -14.48 -16.99 5.58
C HIS A 134 -13.09 -16.33 5.47
N PHE A 135 -12.73 -15.47 6.43
CA PHE A 135 -11.53 -14.63 6.28
C PHE A 135 -10.78 -14.38 7.57
N SER A 136 -9.49 -14.07 7.45
CA SER A 136 -8.68 -13.69 8.63
C SER A 136 -9.12 -12.36 9.18
N GLN A 137 -8.86 -12.14 10.47
CA GLN A 137 -9.22 -10.88 11.13
C GLN A 137 -8.69 -9.66 10.39
N THR A 138 -7.47 -9.77 9.91
CA THR A 138 -6.80 -8.67 9.25
C THR A 138 -7.56 -8.30 7.99
N ASN A 139 -7.88 -9.30 7.16
CA ASN A 139 -8.75 -9.06 5.97
C ASN A 139 -10.08 -8.38 6.31
N LEU A 140 -10.72 -8.81 7.41
CA LEU A 140 -11.97 -8.19 7.85
C LEU A 140 -11.80 -6.73 8.26
N ARG A 141 -10.80 -6.48 9.13
CA ARG A 141 -10.48 -5.11 9.57
C ARG A 141 -10.13 -4.21 8.39
N VAL A 142 -9.33 -4.73 7.46
CA VAL A 142 -8.94 -3.90 6.34
C VAL A 142 -10.16 -3.51 5.50
N ALA A 143 -10.96 -4.50 5.13
CA ALA A 143 -12.10 -4.26 4.23
C ALA A 143 -13.07 -3.33 4.92
N VAL A 144 -13.37 -3.63 6.18
CA VAL A 144 -14.34 -2.84 6.88
C VAL A 144 -13.89 -1.39 7.05
N ASN A 145 -12.63 -1.21 7.48
CA ASN A 145 -12.07 0.13 7.66
C ASN A 145 -11.92 0.90 6.36
N LEU A 146 -11.44 0.26 5.31
CA LEU A 146 -11.40 0.96 4.03
C LEU A 146 -12.77 1.30 3.48
N ALA A 147 -13.72 0.37 3.61
CA ALA A 147 -15.05 0.62 3.12
C ALA A 147 -15.63 1.81 3.86
N ASN A 148 -15.58 1.75 5.20
CA ASN A 148 -16.11 2.83 6.02
C ASN A 148 -15.55 4.22 5.73
N ARG A 149 -14.23 4.33 5.54
CA ARG A 149 -13.66 5.66 5.31
C ARG A 149 -13.74 6.10 3.85
N PHE A 150 -13.61 5.20 2.88
CA PHE A 150 -13.50 5.64 1.44
C PHE A 150 -14.70 5.38 0.53
N ALA A 151 -15.54 4.41 0.88
CA ALA A 151 -16.62 4.03 -0.01
C ALA A 151 -17.79 4.98 0.14
N SER A 152 -18.25 5.56 -0.96
CA SER A 152 -19.56 6.26 -0.90
C SER A 152 -20.76 5.26 -0.76
N LEU A 153 -20.55 3.98 -1.09
CA LEU A 153 -21.61 3.00 -1.26
C LEU A 153 -21.05 1.63 -1.23
N VAL A 154 -21.74 0.75 -0.52
CA VAL A 154 -21.40 -0.65 -0.50
C VAL A 154 -22.59 -1.46 -1.00
N ILE A 155 -22.50 -1.97 -2.22
CA ILE A 155 -23.55 -2.81 -2.77
C ILE A 155 -23.29 -4.24 -2.37
N ALA A 156 -24.17 -4.80 -1.54
CA ALA A 156 -24.08 -6.19 -1.10
C ALA A 156 -24.91 -7.13 -2.00
N ASN A 157 -24.41 -8.32 -2.25
CA ASN A 157 -25.10 -9.24 -3.17
C ASN A 157 -26.21 -10.01 -2.46
N SER A 158 -26.35 -9.82 -1.15
CA SER A 158 -27.39 -10.47 -0.42
C SER A 158 -27.60 -9.81 0.95
N GLN A 159 -28.75 -10.04 1.56
CA GLN A 159 -28.95 -9.58 2.91
C GLN A 159 -28.01 -10.24 3.85
N ALA A 160 -27.59 -11.46 3.55
CA ALA A 160 -26.65 -12.13 4.46
C ALA A 160 -25.25 -11.45 4.44
N SER A 161 -24.87 -10.91 3.29
CA SER A 161 -23.57 -10.25 3.12
C SER A 161 -23.60 -8.86 3.77
N GLN A 162 -24.68 -8.11 3.51
CA GLN A 162 -25.00 -6.90 4.24
C GLN A 162 -24.86 -7.10 5.74
N THR A 163 -25.52 -8.13 6.21
CA THR A 163 -25.49 -8.45 7.60
C THR A 163 -24.10 -8.71 8.14
N ALA A 164 -23.35 -9.57 7.46
CA ALA A 164 -22.01 -9.90 7.92
C ALA A 164 -21.08 -8.65 7.88
N PHE A 165 -21.26 -7.75 6.90
CA PHE A 165 -20.50 -6.51 6.82
C PHE A 165 -20.74 -5.75 8.10
N ILE A 166 -22.01 -5.53 8.40
CA ILE A 166 -22.40 -4.77 9.56
C ILE A 166 -21.94 -5.40 10.87
N GLN A 167 -22.12 -6.69 11.03
CA GLN A 167 -21.58 -7.32 12.25
C GLN A 167 -20.05 -7.20 12.39
N ALA A 168 -19.36 -6.98 11.29
CA ALA A 168 -17.91 -6.89 11.32
C ALA A 168 -17.47 -5.44 11.58
N GLY A 169 -18.43 -4.53 11.71
CA GLY A 169 -18.15 -3.14 12.04
C GLY A 169 -18.42 -2.20 10.90
N GLY A 170 -18.88 -2.71 9.76
CA GLY A 170 -19.17 -1.84 8.60
C GLY A 170 -20.35 -0.94 8.84
N ARG A 171 -20.43 0.16 8.12
CA ARG A 171 -21.49 1.15 8.35
C ARG A 171 -22.76 0.80 7.56
N ALA A 172 -23.81 0.49 8.30
CA ALA A 172 -25.12 0.16 7.73
C ALA A 172 -25.61 1.14 6.70
N GLU A 173 -25.42 2.42 6.95
CA GLU A 173 -25.94 3.44 6.02
C GLU A 173 -25.25 3.44 4.68
N LEU A 174 -24.10 2.78 4.59
CA LEU A 174 -23.47 2.70 3.27
C LEU A 174 -24.08 1.59 2.38
N THR A 175 -24.80 0.64 3.00
CA THR A 175 -25.20 -0.59 2.32
C THR A 175 -26.51 -0.53 1.55
N LYS A 176 -26.51 -1.10 0.34
CA LYS A 176 -27.69 -1.46 -0.42
C LYS A 176 -27.50 -2.90 -0.94
N VAL A 177 -28.55 -3.71 -0.83
CA VAL A 177 -28.56 -5.06 -1.37
C VAL A 177 -29.06 -5.05 -2.81
N ILE A 178 -28.26 -5.57 -3.73
CA ILE A 178 -28.68 -5.75 -5.13
C ILE A 178 -28.19 -7.13 -5.53
N TYR A 179 -29.14 -7.99 -5.95
CA TYR A 179 -28.86 -9.38 -6.23
C TYR A 179 -28.10 -9.51 -7.54
N ASN A 180 -27.46 -10.65 -7.79
CA ASN A 180 -26.94 -10.86 -9.13
C ASN A 180 -28.08 -10.94 -10.13
N GLY A 181 -27.83 -10.44 -11.34
CA GLY A 181 -28.79 -10.50 -12.45
C GLY A 181 -28.42 -11.58 -13.48
N PHE A 182 -29.43 -12.02 -14.23
CA PHE A 182 -29.24 -13.04 -15.28
C PHE A 182 -30.06 -12.77 -16.54
N ASP A 183 -29.46 -13.05 -17.68
CA ASP A 183 -30.10 -12.87 -18.98
C ASP A 183 -31.02 -14.07 -19.15
N ILE A 184 -32.32 -13.85 -19.08
CA ILE A 184 -33.28 -14.95 -18.97
C ILE A 184 -33.24 -15.93 -20.15
N ASN A 185 -33.00 -15.39 -21.33
CA ASN A 185 -33.02 -16.15 -22.56
C ASN A 185 -31.90 -17.15 -22.70
N LEU A 186 -30.81 -16.96 -21.96
CA LEU A 186 -29.70 -17.91 -21.99
C LEU A 186 -30.06 -19.26 -21.36
N TYR A 187 -31.19 -19.33 -20.65
CA TYR A 187 -31.47 -20.49 -19.79
C TYR A 187 -32.56 -21.44 -20.36
N LYS A 188 -32.62 -21.54 -21.69
CA LYS A 188 -33.46 -22.54 -22.36
C LYS A 188 -32.62 -23.44 -23.25
N THR A 189 -32.93 -24.73 -23.22
CA THR A 189 -32.25 -25.73 -24.04
C THR A 189 -33.27 -26.71 -24.59
N SER A 190 -33.10 -27.11 -25.85
CA SER A 190 -34.04 -28.06 -26.48
C SER A 190 -33.98 -29.46 -25.84
N PRO A 191 -35.15 -30.12 -25.72
CA PRO A 191 -35.22 -31.54 -25.33
C PRO A 191 -34.22 -32.43 -26.09
N SER A 192 -34.11 -32.16 -27.38
CA SER A 192 -33.19 -32.86 -28.27
C SER A 192 -31.71 -32.64 -27.87
N ASP A 193 -31.34 -31.39 -27.54
CA ASP A 193 -29.95 -31.13 -27.10
C ASP A 193 -29.67 -31.73 -25.70
N ILE A 194 -30.67 -31.72 -24.83
CA ILE A 194 -30.59 -32.39 -23.53
C ILE A 194 -30.27 -33.87 -23.71
N SER A 195 -31.04 -34.51 -24.57
CA SER A 195 -30.87 -35.95 -24.78
C SER A 195 -29.48 -36.28 -25.30
N LYS A 196 -29.03 -35.51 -26.29
CA LYS A 196 -27.68 -35.70 -26.85
C LYS A 196 -26.59 -35.56 -25.83
N LEU A 197 -26.71 -34.51 -25.00
CA LEU A 197 -25.70 -34.22 -23.99
C LEU A 197 -25.64 -35.31 -22.93
N ARG A 198 -26.82 -35.72 -22.45
CA ARG A 198 -26.91 -36.87 -21.54
C ARG A 198 -26.23 -38.10 -22.17
N GLN A 199 -26.48 -38.31 -23.47
CA GLN A 199 -25.83 -39.41 -24.21
C GLN A 199 -24.34 -39.27 -24.19
N GLN A 200 -23.82 -38.13 -24.64
CA GLN A 200 -22.37 -37.88 -24.65
C GLN A 200 -21.72 -38.05 -23.27
N LEU A 201 -22.44 -37.75 -22.21
CA LEU A 201 -21.88 -37.92 -20.86
C LEU A 201 -21.97 -39.36 -20.40
N GLY A 202 -22.86 -40.13 -21.03
CA GLY A 202 -23.07 -41.53 -20.66
C GLY A 202 -23.92 -41.68 -19.41
N VAL A 203 -24.96 -40.84 -19.28
CA VAL A 203 -25.81 -40.82 -18.08
C VAL A 203 -27.27 -40.89 -18.43
N ALA A 204 -27.60 -41.35 -19.64
CA ALA A 204 -28.98 -41.28 -20.12
C ALA A 204 -29.97 -42.06 -19.25
N ASN A 205 -29.49 -43.10 -18.60
CA ASN A 205 -30.35 -43.89 -17.71
C ASN A 205 -30.07 -43.69 -16.23
N ASN A 206 -29.34 -42.63 -15.90
CA ASN A 206 -29.06 -42.24 -14.52
C ASN A 206 -30.01 -41.18 -13.98
N PHE A 207 -30.13 -41.13 -12.66
CA PHE A 207 -30.63 -39.92 -12.00
C PHE A 207 -29.38 -39.07 -11.72
N VAL A 208 -29.30 -37.92 -12.39
CA VAL A 208 -28.06 -37.13 -12.39
C VAL A 208 -28.14 -35.92 -11.45
N VAL A 209 -27.23 -35.86 -10.48
CA VAL A 209 -27.07 -34.68 -9.61
C VAL A 209 -25.84 -33.85 -10.02
N GLY A 210 -26.10 -32.62 -10.46
CA GLY A 210 -25.04 -31.70 -10.88
C GLY A 210 -24.59 -30.74 -9.78
N HIS A 211 -23.28 -30.62 -9.59
CA HIS A 211 -22.66 -29.70 -8.67
C HIS A 211 -21.84 -28.76 -9.55
N PHE A 212 -22.07 -27.45 -9.41
CA PHE A 212 -21.49 -26.46 -10.32
C PHE A 212 -20.62 -25.38 -9.63
N SER A 213 -20.12 -25.73 -8.44
CA SER A 213 -19.23 -24.87 -7.69
C SER A 213 -17.76 -25.19 -8.04
N ARG A 214 -16.93 -24.14 -8.08
CA ARG A 214 -15.48 -24.35 -8.12
C ARG A 214 -15.08 -25.33 -7.01
N LEU A 215 -13.98 -26.06 -7.21
CA LEU A 215 -13.61 -27.13 -6.29
C LEU A 215 -12.74 -26.61 -5.17
N SER A 216 -13.31 -26.59 -3.98
CA SER A 216 -12.66 -26.01 -2.83
C SER A 216 -13.38 -26.52 -1.58
N PRO A 217 -12.65 -26.80 -0.51
CA PRO A 217 -13.33 -27.48 0.59
C PRO A 217 -14.66 -26.84 1.02
N TRP A 218 -14.74 -25.52 1.04
CA TRP A 218 -15.92 -24.87 1.57
C TRP A 218 -17.12 -24.96 0.61
N LYS A 219 -16.86 -25.26 -0.66
CA LYS A 219 -17.98 -25.52 -1.58
C LYS A 219 -18.57 -26.96 -1.42
N GLY A 220 -17.94 -27.79 -0.61
CA GLY A 220 -18.58 -29.02 -0.12
C GLY A 220 -18.82 -30.19 -1.07
N GLN A 221 -18.00 -30.31 -2.12
CA GLN A 221 -18.18 -31.41 -3.07
C GLN A 221 -18.20 -32.73 -2.32
N HIS A 222 -17.35 -32.83 -1.29
CA HIS A 222 -17.24 -34.06 -0.52
C HIS A 222 -18.54 -34.41 0.22
N ILE A 223 -19.42 -33.43 0.46
CA ILE A 223 -20.68 -33.74 1.10
C ILE A 223 -21.58 -34.47 0.11
N LEU A 224 -21.67 -33.93 -1.12
CA LEU A 224 -22.42 -34.56 -2.17
C LEU A 224 -21.94 -36.02 -2.40
N ILE A 225 -20.63 -36.20 -2.35
CA ILE A 225 -20.06 -37.48 -2.62
C ILE A 225 -20.44 -38.45 -1.52
N ASP A 226 -20.45 -37.99 -0.27
CA ASP A 226 -20.88 -38.84 0.85
C ASP A 226 -22.36 -39.25 0.73
N ALA A 227 -23.18 -38.32 0.27
CA ALA A 227 -24.60 -38.54 0.10
C ALA A 227 -24.86 -39.60 -0.97
N LEU A 228 -24.08 -39.57 -2.04
CA LEU A 228 -24.23 -40.50 -3.15
C LEU A 228 -24.22 -41.92 -2.66
N ALA A 229 -23.33 -42.20 -1.72
CA ALA A 229 -23.24 -43.54 -1.15
C ALA A 229 -24.49 -44.00 -0.41
N GLN A 230 -25.43 -43.09 -0.13
CA GLN A 230 -26.68 -43.39 0.58
C GLN A 230 -27.86 -43.33 -0.37
N CYS A 231 -27.56 -43.13 -1.65
CA CYS A 231 -28.57 -43.01 -2.64
C CYS A 231 -28.76 -44.33 -3.37
N PRO A 232 -29.89 -44.48 -4.08
CA PRO A 232 -30.12 -45.55 -5.02
C PRO A 232 -29.00 -45.64 -6.05
N PRO A 233 -28.74 -46.86 -6.56
CA PRO A 233 -27.54 -47.10 -7.38
C PRO A 233 -27.51 -46.43 -8.76
N GLN A 234 -28.66 -45.99 -9.28
CA GLN A 234 -28.67 -45.28 -10.56
C GLN A 234 -28.35 -43.79 -10.48
N VAL A 235 -28.08 -43.32 -9.26
CA VAL A 235 -27.78 -41.91 -9.08
C VAL A 235 -26.31 -41.73 -9.35
N THR A 236 -25.98 -40.85 -10.28
CA THR A 236 -24.61 -40.40 -10.47
C THR A 236 -24.51 -38.86 -10.36
N ALA A 237 -23.31 -38.37 -10.14
CA ALA A 237 -23.09 -36.92 -10.04
C ALA A 237 -22.07 -36.44 -11.07
N ILE A 238 -22.32 -35.27 -11.64
CA ILE A 238 -21.29 -34.56 -12.38
C ILE A 238 -20.79 -33.35 -11.56
N LEU A 239 -19.52 -33.35 -11.20
CA LEU A 239 -18.86 -32.20 -10.59
C LEU A 239 -18.28 -31.27 -11.67
N VAL A 240 -18.90 -30.11 -11.85
CA VAL A 240 -18.48 -29.14 -12.84
C VAL A 240 -17.76 -27.94 -12.19
N GLY A 241 -16.54 -27.68 -12.64
CA GLY A 241 -15.69 -26.61 -12.11
C GLY A 241 -14.28 -27.13 -11.90
N ASP A 242 -13.29 -26.24 -11.80
CA ASP A 242 -11.90 -26.68 -11.52
C ASP A 242 -11.47 -26.11 -10.19
N ALA A 243 -10.33 -26.55 -9.68
CA ALA A 243 -9.77 -25.93 -8.48
C ALA A 243 -9.22 -24.57 -8.94
N LEU A 244 -9.95 -23.49 -8.65
CA LEU A 244 -9.65 -22.15 -9.21
C LEU A 244 -8.41 -21.50 -8.57
N PHE A 245 -8.02 -21.96 -7.37
CA PHE A 245 -6.96 -21.30 -6.61
C PHE A 245 -5.97 -22.27 -5.95
N GLY A 246 -5.60 -23.35 -6.64
CA GLY A 246 -4.56 -24.27 -6.13
C GLY A 246 -4.96 -25.04 -4.87
N GLU A 247 -6.17 -25.59 -4.86
CA GLU A 247 -6.59 -26.45 -3.77
C GLU A 247 -6.41 -27.91 -4.24
N GLN A 248 -5.26 -28.22 -4.83
CA GLN A 248 -5.05 -29.54 -5.46
C GLN A 248 -5.03 -30.71 -4.47
N ASP A 249 -4.62 -30.44 -3.24
CA ASP A 249 -4.80 -31.39 -2.15
C ASP A 249 -6.26 -31.87 -2.07
N TYR A 250 -7.19 -30.91 -2.07
CA TYR A 250 -8.63 -31.20 -1.94
C TYR A 250 -9.11 -32.11 -3.06
N VAL A 251 -8.78 -31.73 -4.28
CA VAL A 251 -9.11 -32.55 -5.45
C VAL A 251 -8.60 -33.98 -5.32
N LYS A 252 -7.39 -34.17 -4.80
CA LYS A 252 -6.85 -35.49 -4.58
C LYS A 252 -7.69 -36.21 -3.51
N GLU A 253 -8.13 -35.46 -2.48
CA GLU A 253 -8.93 -36.05 -1.37
C GLU A 253 -10.30 -36.55 -1.85
N LEU A 254 -10.91 -35.78 -2.74
CA LEU A 254 -12.12 -36.18 -3.43
C LEU A 254 -11.97 -37.52 -4.18
N HIS A 255 -10.96 -37.62 -5.02
CA HIS A 255 -10.71 -38.86 -5.78
C HIS A 255 -10.52 -40.06 -4.88
N GLN A 256 -9.79 -39.87 -3.80
CA GLN A 256 -9.62 -40.93 -2.80
C GLN A 256 -10.95 -41.30 -2.12
N GLN A 257 -11.74 -40.29 -1.76
CA GLN A 257 -13.06 -40.49 -1.16
C GLN A 257 -13.94 -41.32 -2.11
N ILE A 258 -13.92 -40.92 -3.37
CA ILE A 258 -14.76 -41.52 -4.39
C ILE A 258 -14.41 -42.99 -4.48
N THR A 259 -13.12 -43.28 -4.34
CA THR A 259 -12.59 -44.64 -4.48
C THR A 259 -12.95 -45.42 -3.24
N ARG A 260 -12.73 -44.86 -2.07
CA ARG A 260 -13.02 -45.54 -0.81
C ARG A 260 -14.50 -45.93 -0.72
N LEU A 261 -15.38 -45.08 -1.24
CA LEU A 261 -16.78 -45.42 -1.36
C LEU A 261 -16.87 -46.20 -2.66
N GLY A 262 -18.04 -46.60 -3.11
CA GLY A 262 -17.98 -47.41 -4.34
C GLY A 262 -18.14 -46.60 -5.58
N LEU A 263 -17.61 -45.38 -5.61
CA LEU A 263 -18.21 -44.38 -6.50
C LEU A 263 -17.47 -44.09 -7.82
N GLU A 264 -16.43 -44.86 -8.11
CA GLU A 264 -15.58 -44.60 -9.28
C GLU A 264 -16.36 -44.42 -10.57
N ASN A 265 -17.36 -45.24 -10.83
CA ASN A 265 -18.15 -45.11 -12.07
C ASN A 265 -19.43 -44.33 -11.89
N ARG A 266 -19.49 -43.53 -10.81
CA ARG A 266 -20.73 -42.79 -10.49
C ARG A 266 -20.51 -41.29 -10.30
N VAL A 267 -19.27 -40.84 -10.51
CA VAL A 267 -18.92 -39.44 -10.41
C VAL A 267 -17.97 -39.03 -11.52
N LYS A 268 -18.38 -38.11 -12.37
CA LYS A 268 -17.51 -37.54 -13.40
C LYS A 268 -17.17 -36.09 -13.07
N PHE A 269 -15.89 -35.75 -13.16
CA PHE A 269 -15.41 -34.36 -13.16
C PHE A 269 -15.38 -33.82 -14.56
N LEU A 270 -15.97 -32.67 -14.84
CA LEU A 270 -15.91 -32.16 -16.21
C LEU A 270 -14.97 -30.98 -16.40
N GLY A 271 -14.26 -30.58 -15.34
CA GLY A 271 -13.48 -29.35 -15.34
C GLY A 271 -14.34 -28.11 -15.53
N PHE A 272 -13.70 -26.95 -15.70
CA PHE A 272 -14.43 -25.73 -15.92
C PHE A 272 -15.08 -25.83 -17.24
N ARG A 273 -16.37 -25.51 -17.27
CA ARG A 273 -17.17 -25.56 -18.47
C ARG A 273 -17.90 -24.24 -18.71
N ALA A 274 -18.19 -23.97 -19.98
CA ALA A 274 -18.94 -22.79 -20.39
C ALA A 274 -20.41 -23.05 -20.70
N ASP A 275 -20.78 -24.30 -20.92
CA ASP A 275 -22.14 -24.63 -21.34
C ASP A 275 -23.02 -25.02 -20.10
N ILE A 276 -23.08 -24.11 -19.11
CA ILE A 276 -23.71 -24.41 -17.82
C ILE A 276 -25.23 -24.60 -17.91
N PRO A 277 -25.92 -23.69 -18.60
CA PRO A 277 -27.35 -23.89 -18.74
C PRO A 277 -27.67 -25.26 -19.37
N GLN A 278 -26.82 -25.71 -20.29
CA GLN A 278 -27.09 -26.98 -20.99
C GLN A 278 -26.81 -28.17 -20.07
N LEU A 279 -25.69 -28.11 -19.35
CA LEU A 279 -25.37 -29.17 -18.42
C LEU A 279 -26.39 -29.21 -17.30
N MET A 280 -26.91 -28.06 -16.89
CA MET A 280 -27.94 -28.09 -15.84
C MET A 280 -29.21 -28.76 -16.34
N ALA A 281 -29.60 -28.45 -17.57
CA ALA A 281 -30.76 -29.08 -18.21
C ALA A 281 -30.58 -30.61 -18.26
N ALA A 282 -29.35 -31.05 -18.45
CA ALA A 282 -29.04 -32.45 -18.53
C ALA A 282 -29.16 -33.13 -17.20
N CYS A 283 -29.18 -32.37 -16.11
CA CYS A 283 -29.18 -32.97 -14.78
C CYS A 283 -30.62 -33.23 -14.40
N ASP A 284 -30.81 -34.03 -13.36
CA ASP A 284 -32.15 -34.18 -12.79
C ASP A 284 -32.36 -33.41 -11.52
N LEU A 285 -31.26 -33.11 -10.84
CA LEU A 285 -31.26 -32.31 -9.64
C LEU A 285 -29.95 -31.54 -9.63
N VAL A 286 -30.03 -30.24 -9.34
CA VAL A 286 -28.83 -29.44 -9.13
C VAL A 286 -28.56 -29.30 -7.65
N ALA A 287 -27.33 -29.58 -7.21
CA ALA A 287 -26.99 -29.50 -5.80
C ALA A 287 -25.94 -28.48 -5.45
N HIS A 288 -26.18 -27.75 -4.37
CA HIS A 288 -25.28 -26.73 -3.82
C HIS A 288 -25.05 -27.15 -2.39
N THR A 289 -23.79 -27.39 -2.01
CA THR A 289 -23.50 -28.06 -0.77
C THR A 289 -22.42 -27.34 0.05
N SER A 290 -22.36 -26.01 -0.03
CA SER A 290 -21.28 -25.27 0.63
C SER A 290 -21.32 -25.53 2.12
N THR A 291 -20.16 -25.79 2.73
CA THR A 291 -20.11 -26.03 4.15
C THR A 291 -19.91 -24.74 4.98
N ALA A 292 -19.72 -23.60 4.31
CA ALA A 292 -19.64 -22.29 4.95
C ALA A 292 -20.63 -21.46 4.24
N PRO A 293 -21.19 -20.46 4.91
CA PRO A 293 -22.34 -19.79 4.32
C PRO A 293 -22.08 -19.19 2.95
N GLU A 294 -22.99 -19.39 2.04
CA GLU A 294 -22.86 -18.86 0.73
C GLU A 294 -23.38 -17.46 0.70
N PRO A 295 -22.59 -16.56 0.18
CA PRO A 295 -23.02 -15.18 0.09
C PRO A 295 -24.20 -14.99 -0.80
N PHE A 296 -24.20 -15.57 -1.97
CA PHE A 296 -25.36 -15.46 -2.82
C PHE A 296 -25.79 -16.81 -3.37
N GLY A 297 -24.98 -17.38 -4.24
CA GLY A 297 -25.23 -18.64 -4.89
C GLY A 297 -25.80 -18.58 -6.29
N ARG A 298 -24.92 -18.35 -7.23
CA ARG A 298 -25.32 -18.22 -8.60
C ARG A 298 -25.88 -19.51 -9.13
N VAL A 299 -25.26 -20.61 -8.76
CA VAL A 299 -25.66 -21.85 -9.37
C VAL A 299 -27.13 -22.13 -9.00
N ILE A 300 -27.55 -21.62 -7.83
CA ILE A 300 -28.89 -21.82 -7.29
C ILE A 300 -29.87 -21.13 -8.19
N VAL A 301 -29.60 -19.87 -8.51
CA VAL A 301 -30.54 -19.14 -9.37
C VAL A 301 -30.53 -19.73 -10.78
N GLU A 302 -29.35 -20.14 -11.21
CA GLU A 302 -29.17 -20.65 -12.56
C GLU A 302 -30.03 -21.93 -12.75
N ALA A 303 -30.00 -22.80 -11.75
CA ALA A 303 -30.81 -24.01 -11.70
C ALA A 303 -32.27 -23.67 -11.85
N MET A 304 -32.71 -22.70 -11.07
CA MET A 304 -34.08 -22.29 -11.08
C MET A 304 -34.49 -21.76 -12.42
N LEU A 305 -33.61 -20.97 -13.04
CA LEU A 305 -33.92 -20.42 -14.37
C LEU A 305 -33.98 -21.49 -15.46
N CYS A 306 -33.25 -22.59 -15.27
CA CYS A 306 -33.28 -23.74 -16.19
C CYS A 306 -34.48 -24.64 -15.90
N GLY A 307 -35.27 -24.27 -14.90
CA GLY A 307 -36.44 -25.01 -14.51
C GLY A 307 -36.13 -26.35 -13.88
N LYS A 308 -34.95 -26.49 -13.29
CA LYS A 308 -34.58 -27.70 -12.59
C LYS A 308 -34.76 -27.53 -11.11
N PRO A 309 -35.06 -28.63 -10.41
CA PRO A 309 -35.05 -28.60 -8.96
C PRO A 309 -33.66 -28.36 -8.47
N VAL A 310 -33.55 -27.76 -7.29
CA VAL A 310 -32.27 -27.45 -6.67
C VAL A 310 -32.37 -27.64 -5.18
N VAL A 311 -31.33 -28.25 -4.63
CA VAL A 311 -31.15 -28.36 -3.22
C VAL A 311 -29.86 -27.55 -2.86
N ALA A 312 -29.92 -26.82 -1.75
CA ALA A 312 -28.86 -25.91 -1.34
C ALA A 312 -28.66 -26.02 0.13
N ALA A 313 -27.51 -25.53 0.58
CA ALA A 313 -27.16 -25.57 1.98
C ALA A 313 -27.85 -24.39 2.70
N LYS A 314 -28.44 -24.68 3.86
CA LYS A 314 -29.31 -23.74 4.59
C LYS A 314 -28.52 -22.73 5.40
N ALA A 315 -27.99 -21.74 4.71
CA ALA A 315 -27.20 -20.68 5.33
C ALA A 315 -26.91 -19.62 4.31
N GLY A 316 -26.60 -18.42 4.79
CA GLY A 316 -26.13 -17.36 3.95
C GLY A 316 -27.25 -16.94 3.09
N GLY A 317 -26.93 -16.48 1.88
CA GLY A 317 -27.93 -15.99 0.93
C GLY A 317 -28.81 -17.04 0.28
N ALA A 318 -28.42 -18.31 0.35
CA ALA A 318 -29.29 -19.37 -0.13
C ALA A 318 -30.69 -19.32 0.50
N MET A 319 -30.76 -18.98 1.78
CA MET A 319 -32.05 -18.87 2.51
C MET A 319 -32.96 -17.80 1.96
N GLU A 320 -32.41 -16.84 1.25
CA GLU A 320 -33.20 -15.80 0.66
C GLU A 320 -33.68 -16.22 -0.70
N LEU A 321 -32.95 -17.14 -1.30
CA LEU A 321 -33.26 -17.54 -2.67
C LEU A 321 -34.28 -18.68 -2.68
N VAL A 322 -34.19 -19.55 -1.68
CA VAL A 322 -34.98 -20.73 -1.60
C VAL A 322 -35.91 -20.74 -0.38
N GLU A 323 -37.21 -20.93 -0.67
CA GLU A 323 -38.18 -21.37 0.34
C GLU A 323 -38.38 -22.89 0.21
N HIS A 324 -37.93 -23.61 1.22
CA HIS A 324 -37.97 -25.05 1.20
C HIS A 324 -39.36 -25.64 0.86
N GLY A 325 -39.43 -26.55 -0.10
CA GLY A 325 -40.68 -27.21 -0.46
C GLY A 325 -41.51 -26.35 -1.39
N VAL A 326 -41.02 -25.19 -1.78
CA VAL A 326 -41.79 -24.30 -2.61
C VAL A 326 -41.11 -23.97 -3.93
N ASN A 327 -39.84 -23.55 -3.85
CA ASN A 327 -39.06 -23.29 -5.05
C ASN A 327 -37.72 -23.99 -5.03
N GLY A 328 -37.56 -24.92 -4.08
CA GLY A 328 -36.30 -25.62 -3.95
C GLY A 328 -36.26 -26.30 -2.62
N PHE A 329 -35.12 -26.89 -2.28
CA PHE A 329 -34.91 -27.49 -0.96
C PHE A 329 -33.63 -26.93 -0.30
N LEU A 330 -33.61 -26.98 1.04
CA LEU A 330 -32.55 -26.50 1.87
C LEU A 330 -32.26 -27.59 2.84
N THR A 331 -30.98 -27.89 3.06
CA THR A 331 -30.55 -28.91 4.01
C THR A 331 -29.46 -28.32 4.86
N THR A 332 -29.26 -28.90 6.03
CA THR A 332 -28.31 -28.39 6.98
C THR A 332 -26.91 -28.52 6.40
N PRO A 333 -26.12 -27.44 6.45
CA PRO A 333 -24.74 -27.51 5.93
C PRO A 333 -23.92 -28.60 6.60
N GLY A 334 -23.20 -29.36 5.80
CA GLY A 334 -22.35 -30.45 6.30
C GLY A 334 -23.00 -31.82 6.47
N GLU A 335 -24.32 -31.92 6.30
CA GLU A 335 -25.07 -33.15 6.65
C GLU A 335 -25.47 -33.96 5.39
N SER A 336 -24.70 -35.00 5.10
CA SER A 336 -24.88 -35.75 3.86
C SER A 336 -26.15 -36.63 3.82
N GLN A 337 -26.57 -37.13 4.97
CA GLN A 337 -27.77 -37.94 5.03
C GLN A 337 -28.98 -37.11 4.64
N GLU A 338 -29.04 -35.85 5.06
CA GLU A 338 -30.16 -35.00 4.67
C GLU A 338 -30.20 -34.77 3.16
N LEU A 339 -29.00 -34.67 2.59
CA LEU A 339 -28.88 -34.43 1.18
C LEU A 339 -29.41 -35.66 0.44
N ALA A 340 -29.03 -36.84 0.94
CA ALA A 340 -29.57 -38.14 0.42
C ALA A 340 -31.09 -38.19 0.52
N ASN A 341 -31.63 -37.80 1.67
CA ASN A 341 -33.09 -37.80 1.80
C ASN A 341 -33.77 -36.93 0.77
N ILE A 342 -33.14 -35.82 0.42
CA ILE A 342 -33.73 -34.94 -0.59
C ILE A 342 -33.59 -35.54 -1.98
N ILE A 343 -32.47 -36.25 -2.21
CA ILE A 343 -32.29 -36.86 -3.52
C ILE A 343 -33.39 -37.92 -3.69
N ASN A 344 -33.54 -38.77 -2.68
CA ASN A 344 -34.57 -39.79 -2.67
C ASN A 344 -35.95 -39.20 -2.87
N THR A 345 -36.22 -38.10 -2.18
CA THR A 345 -37.48 -37.41 -2.37
C THR A 345 -37.69 -37.02 -3.82
N CYS A 346 -36.65 -36.58 -4.51
CA CYS A 346 -36.81 -36.11 -5.89
C CYS A 346 -37.02 -37.29 -6.85
N ILE A 347 -36.48 -38.45 -6.48
CA ILE A 347 -36.67 -39.67 -7.24
C ILE A 347 -38.13 -40.16 -7.11
N GLU A 348 -38.62 -40.24 -5.88
CA GLU A 348 -39.94 -40.81 -5.58
C GLU A 348 -41.13 -39.91 -5.87
N ASP A 349 -41.03 -38.61 -5.59
CA ASP A 349 -42.16 -37.67 -5.71
C ASP A 349 -41.91 -36.77 -6.89
N THR A 350 -42.00 -37.32 -8.07
CA THR A 350 -41.57 -36.62 -9.28
C THR A 350 -42.52 -35.47 -9.66
N GLN A 351 -43.77 -35.60 -9.29
CA GLN A 351 -44.74 -34.61 -9.71
C GLN A 351 -44.64 -33.40 -8.78
N LYS A 352 -44.46 -33.65 -7.49
CA LYS A 352 -44.19 -32.58 -6.54
C LYS A 352 -42.95 -31.83 -6.97
N THR A 353 -41.88 -32.60 -7.22
CA THR A 353 -40.59 -32.07 -7.60
C THR A 353 -40.70 -31.24 -8.86
N ALA A 354 -41.46 -31.69 -9.84
CA ALA A 354 -41.57 -30.92 -11.10
C ALA A 354 -42.32 -29.58 -10.92
N THR A 355 -43.30 -29.55 -10.03
CA THR A 355 -44.04 -28.34 -9.69
C THR A 355 -43.13 -27.31 -8.94
N ILE A 356 -42.39 -27.80 -7.95
CA ILE A 356 -41.38 -27.00 -7.27
C ILE A 356 -40.43 -26.34 -8.28
N ALA A 357 -39.89 -27.14 -9.18
CA ALA A 357 -38.95 -26.68 -10.20
C ALA A 357 -39.54 -25.64 -11.07
N SER A 358 -40.80 -25.84 -11.38
CA SER A 358 -41.49 -24.99 -12.32
C SER A 358 -41.84 -23.64 -11.64
N ASN A 359 -42.28 -23.71 -10.38
CA ASN A 359 -42.47 -22.54 -9.55
C ASN A 359 -41.20 -21.67 -9.46
N ALA A 360 -40.07 -22.35 -9.24
CA ALA A 360 -38.76 -21.70 -9.18
C ALA A 360 -38.46 -20.88 -10.41
N GLN A 361 -38.78 -21.43 -11.57
CA GLN A 361 -38.46 -20.75 -12.83
C GLN A 361 -39.22 -19.46 -12.90
N ALA A 362 -40.48 -19.52 -12.51
CA ALA A 362 -41.37 -18.38 -12.64
C ALA A 362 -40.94 -17.23 -11.71
N ILE A 363 -40.63 -17.59 -10.48
CA ILE A 363 -40.21 -16.62 -9.48
C ILE A 363 -38.84 -15.99 -9.85
N ALA A 364 -37.84 -16.83 -10.05
CA ALA A 364 -36.51 -16.36 -10.36
C ALA A 364 -36.45 -15.50 -11.61
N SER A 365 -37.29 -15.81 -12.60
CA SER A 365 -37.41 -15.00 -13.83
C SER A 365 -37.78 -13.57 -13.54
N GLN A 366 -38.57 -13.37 -12.50
CA GLN A 366 -39.04 -12.04 -12.14
C GLN A 366 -37.92 -11.37 -11.29
N ARG A 367 -37.54 -12.02 -10.17
CA ARG A 367 -36.58 -11.50 -9.18
C ARG A 367 -35.20 -11.15 -9.75
N PHE A 368 -34.59 -12.05 -10.52
CA PHE A 368 -33.19 -11.96 -10.84
C PHE A 368 -32.91 -11.68 -12.30
N ASP A 369 -33.91 -11.13 -12.97
CA ASP A 369 -33.74 -10.75 -14.37
C ASP A 369 -32.73 -9.61 -14.47
N VAL A 370 -31.70 -9.82 -15.27
CA VAL A 370 -30.67 -8.80 -15.47
C VAL A 370 -31.20 -7.40 -15.81
N VAL A 371 -32.37 -7.34 -16.42
CA VAL A 371 -32.94 -6.05 -16.78
C VAL A 371 -33.32 -5.23 -15.56
N THR A 372 -33.87 -5.89 -14.56
CA THR A 372 -34.32 -5.23 -13.35
C THR A 372 -33.12 -4.88 -12.51
N ILE A 373 -32.16 -5.80 -12.46
CA ILE A 373 -30.95 -5.63 -11.71
C ILE A 373 -30.17 -4.45 -12.27
N ASN A 374 -30.05 -4.37 -13.59
CA ASN A 374 -29.37 -3.25 -14.22
C ASN A 374 -30.00 -1.92 -13.91
N GLN A 375 -31.32 -1.89 -13.92
CA GLN A 375 -32.07 -0.70 -13.53
C GLN A 375 -31.76 -0.30 -12.09
N GLN A 376 -31.58 -1.27 -11.21
CA GLN A 376 -31.32 -0.98 -9.81
C GLN A 376 -29.89 -0.38 -9.66
N ILE A 377 -28.94 -0.99 -10.31
CA ILE A 377 -27.59 -0.49 -10.32
C ILE A 377 -27.52 0.94 -10.90
N ALA A 378 -28.17 1.15 -12.03
CA ALA A 378 -28.23 2.46 -12.66
C ALA A 378 -28.80 3.52 -11.72
N GLU A 379 -29.90 3.20 -11.06
CA GLU A 379 -30.55 4.15 -10.18
C GLU A 379 -29.67 4.46 -9.00
N THR A 380 -28.98 3.45 -8.51
CA THR A 380 -28.19 3.64 -7.32
C THR A 380 -26.99 4.53 -7.65
N LEU A 381 -26.38 4.31 -8.80
CA LEU A 381 -25.23 5.09 -9.19
C LEU A 381 -25.62 6.55 -9.51
N SER A 382 -26.75 6.73 -10.17
CA SER A 382 -27.26 8.07 -10.44
C SER A 382 -27.61 8.82 -9.16
N SER A 383 -28.05 8.13 -8.11
CA SER A 383 -28.48 8.81 -6.88
C SER A 383 -27.31 9.25 -5.96
N LEU A 384 -26.06 8.98 -6.32
CA LEU A 384 -24.92 9.44 -5.52
C LEU A 384 -24.81 10.97 -5.43
N HIS B 6 13.91 -0.60 29.08
CA HIS B 6 13.28 0.31 28.08
C HIS B 6 12.37 -0.46 27.10
N MET B 7 11.72 0.28 26.21
CA MET B 7 10.80 -0.28 25.20
C MET B 7 11.51 -0.79 23.93
N LYS B 8 10.95 -1.80 23.27
CA LYS B 8 11.48 -2.29 22.01
C LYS B 8 10.98 -1.39 20.88
N ILE B 9 11.88 -0.75 20.14
CA ILE B 9 11.48 0.17 19.10
C ILE B 9 11.90 -0.34 17.75
N LEU B 10 10.95 -0.27 16.81
CA LEU B 10 11.22 -0.57 15.39
C LEU B 10 11.30 0.77 14.67
N PHE B 11 12.52 1.17 14.33
CA PHE B 11 12.79 2.39 13.60
C PHE B 11 12.73 2.00 12.17
N LEU B 12 12.22 2.91 11.35
CA LEU B 12 12.11 2.68 9.93
C LEU B 12 12.61 3.89 9.20
N ASP B 13 13.32 3.66 8.10
CA ASP B 13 13.92 4.70 7.32
C ASP B 13 14.03 4.16 5.92
N GLN B 14 13.56 4.91 4.95
CA GLN B 14 13.41 4.37 3.60
C GLN B 14 14.72 4.21 2.86
N SER B 15 15.77 4.89 3.31
CA SER B 15 17.01 5.00 2.52
C SER B 15 18.16 4.20 3.11
N GLY B 16 19.00 3.70 2.21
CA GLY B 16 20.27 3.09 2.60
C GLY B 16 21.44 4.07 2.51
N LYS B 17 21.19 5.27 1.96
CA LYS B 17 22.21 6.30 1.83
C LYS B 17 22.27 7.07 3.13
N PRO B 18 23.47 7.55 3.53
CA PRO B 18 23.70 8.29 4.79
C PRO B 18 23.37 9.81 4.70
N GLY B 19 22.09 10.12 4.49
CA GLY B 19 21.61 11.49 4.43
C GLY B 19 21.47 12.03 5.85
N GLY B 20 21.02 13.27 5.96
CA GLY B 20 20.91 13.93 7.27
C GLY B 20 20.04 13.19 8.23
N ALA B 21 18.87 12.76 7.73
CA ALA B 21 17.86 12.12 8.55
C ALA B 21 18.41 10.82 9.07
N GLU B 22 19.16 10.15 8.22
CA GLU B 22 19.79 8.89 8.62
C GLU B 22 20.92 9.09 9.64
N LEU B 23 21.77 10.08 9.38
CA LEU B 23 22.85 10.39 10.37
C LEU B 23 22.21 10.77 11.66
N CYS B 24 21.13 11.55 11.60
CA CYS B 24 20.50 11.89 12.86
C CYS B 24 19.94 10.66 13.60
N LEU B 25 19.50 9.66 12.83
CA LEU B 25 18.84 8.46 13.39
C LEU B 25 19.79 7.61 14.17
N ILE B 26 21.05 7.58 13.74
CA ILE B 26 22.08 6.88 14.51
C ILE B 26 22.06 7.34 15.97
N ASP B 27 22.05 8.66 16.15
CA ASP B 27 22.08 9.22 17.51
C ASP B 27 20.78 8.95 18.25
N ILE B 28 19.66 9.02 17.52
CA ILE B 28 18.33 8.79 18.13
C ILE B 28 18.25 7.35 18.59
N ALA B 29 18.70 6.44 17.76
CA ALA B 29 18.48 5.01 18.05
C ALA B 29 19.49 4.42 19.07
N LYS B 30 20.69 4.98 19.10
CA LYS B 30 21.81 4.35 19.79
C LYS B 30 21.54 3.96 21.24
N PRO B 31 20.88 4.80 22.00
CA PRO B 31 20.58 4.36 23.37
C PRO B 31 19.63 3.16 23.46
N TYR B 32 18.84 2.91 22.40
CA TYR B 32 17.82 1.85 22.43
C TYR B 32 18.30 0.59 21.74
N ARG B 33 19.56 0.60 21.31
CA ARG B 33 20.11 -0.46 20.49
C ARG B 33 20.02 -1.88 21.07
N ASP B 34 19.93 -2.00 22.39
CA ASP B 34 19.83 -3.31 23.03
C ASP B 34 18.54 -4.02 22.64
N ARG B 35 17.46 -3.26 22.45
CA ARG B 35 16.13 -3.81 22.13
C ARG B 35 15.57 -3.36 20.76
N ALA B 36 16.31 -2.57 20.02
CA ALA B 36 15.75 -1.92 18.85
C ALA B 36 16.18 -2.59 17.59
N LEU B 37 15.49 -2.24 16.51
CA LEU B 37 15.90 -2.63 15.18
C LEU B 37 15.66 -1.47 14.26
N VAL B 38 16.62 -1.20 13.37
CA VAL B 38 16.43 -0.22 12.34
C VAL B 38 16.16 -0.93 11.02
N GLY B 39 14.99 -0.63 10.46
CA GLY B 39 14.58 -1.17 9.19
C GLY B 39 14.83 -0.20 8.06
N LEU B 40 15.65 -0.61 7.10
CA LEU B 40 15.90 0.16 5.93
C LEU B 40 15.13 -0.48 4.78
N PHE B 41 14.70 0.35 3.83
CA PHE B 41 13.98 -0.16 2.68
C PHE B 41 14.94 -0.27 1.52
N ALA B 42 16.24 -0.13 1.78
CA ALA B 42 17.28 -0.33 0.75
C ALA B 42 18.62 -0.50 1.42
N ASP B 43 19.57 -1.06 0.70
CA ASP B 43 20.90 -1.35 1.24
C ASP B 43 21.79 -0.18 0.89
N GLY B 44 22.89 -0.03 1.61
CA GLY B 44 23.82 1.07 1.32
C GLY B 44 24.70 1.38 2.50
N ALA B 45 25.46 2.45 2.35
CA ALA B 45 26.45 2.86 3.37
C ALA B 45 25.83 3.10 4.76
N PHE B 46 24.56 3.48 4.81
CA PHE B 46 23.90 3.69 6.09
C PHE B 46 23.83 2.39 6.88
N LYS B 47 23.72 1.26 6.18
CA LYS B 47 23.72 -0.05 6.88
C LYS B 47 25.06 -0.28 7.59
N THR B 48 26.14 -0.02 6.88
CA THR B 48 27.47 -0.10 7.44
C THR B 48 27.60 0.77 8.69
N LEU B 49 27.19 2.04 8.58
CA LEU B 49 27.30 2.97 9.72
C LEU B 49 26.55 2.44 10.91
N LEU B 50 25.34 1.95 10.70
CA LEU B 50 24.57 1.38 11.82
C LEU B 50 25.25 0.17 12.46
N GLU B 51 25.82 -0.67 11.59
CA GLU B 51 26.59 -1.81 12.08
C GLU B 51 27.73 -1.28 12.94
N GLN B 52 28.46 -0.28 12.45
CA GLN B 52 29.60 0.24 13.20
C GLN B 52 29.26 0.85 14.53
N HIS B 53 28.01 1.25 14.71
CA HIS B 53 27.57 1.80 16.00
C HIS B 53 26.83 0.74 16.82
N HIS B 54 26.91 -0.51 16.36
CA HIS B 54 26.34 -1.66 17.05
C HIS B 54 24.83 -1.52 17.19
N ILE B 55 24.19 -0.99 16.15
CA ILE B 55 22.72 -0.83 16.18
C ILE B 55 22.12 -1.82 15.22
N PRO B 56 21.29 -2.76 15.72
CA PRO B 56 20.76 -3.82 14.82
C PRO B 56 20.01 -3.23 13.64
N VAL B 57 20.36 -3.68 12.45
CA VAL B 57 19.77 -3.15 11.23
C VAL B 57 19.30 -4.32 10.35
N GLU B 58 18.21 -4.12 9.64
CA GLU B 58 17.71 -5.11 8.67
C GLU B 58 17.23 -4.37 7.44
N VAL B 59 17.66 -4.84 6.28
CA VAL B 59 17.21 -4.29 5.02
C VAL B 59 16.01 -5.06 4.51
N PHE B 60 14.84 -4.44 4.49
CA PHE B 60 13.64 -5.04 3.92
C PHE B 60 13.58 -4.79 2.42
N THR B 61 13.29 -5.84 1.65
CA THR B 61 13.23 -5.71 0.18
C THR B 61 11.81 -5.98 -0.24
N ASN B 62 11.53 -5.68 -1.51
CA ASN B 62 10.20 -5.84 -2.06
C ASN B 62 10.12 -7.04 -3.01
N GLN B 63 10.92 -8.07 -2.75
CA GLN B 63 10.72 -9.38 -3.37
C GLN B 63 9.93 -10.23 -2.39
N PRO B 64 9.30 -11.35 -2.85
CA PRO B 64 8.31 -12.03 -1.99
C PRO B 64 8.81 -13.24 -1.20
N SER B 79 -1.71 -12.87 1.58
CA SER B 79 -3.02 -12.45 1.07
C SER B 79 -2.88 -11.06 0.45
N LEU B 80 -3.25 -10.02 1.20
CA LEU B 80 -3.13 -8.62 0.75
C LEU B 80 -1.64 -8.28 0.53
N GLY B 81 -0.76 -8.94 1.27
CA GLY B 81 0.70 -8.80 1.13
C GLY B 81 1.32 -8.95 -0.25
N GLN B 82 0.63 -9.57 -1.20
CA GLN B 82 1.15 -9.73 -2.58
C GLN B 82 1.37 -8.40 -3.31
N LEU B 83 0.57 -7.39 -2.97
CA LEU B 83 0.66 -6.06 -3.59
C LEU B 83 1.93 -5.30 -3.18
N ALA B 84 2.41 -5.60 -1.96
CA ALA B 84 3.54 -4.90 -1.36
C ALA B 84 4.29 -5.77 -0.34
N PRO B 85 5.17 -6.66 -0.82
CA PRO B 85 5.75 -7.59 0.14
C PRO B 85 6.56 -6.90 1.26
N LEU B 86 7.37 -5.91 0.88
CA LEU B 86 8.12 -5.10 1.86
C LEU B 86 7.22 -4.67 3.00
N VAL B 87 6.02 -4.22 2.66
CA VAL B 87 5.07 -3.82 3.68
C VAL B 87 4.67 -4.97 4.56
N ALA B 88 4.52 -6.14 3.95
CA ALA B 88 4.08 -7.31 4.69
C ALA B 88 5.17 -7.77 5.63
N LYS B 89 6.41 -7.77 5.14
CA LYS B 89 7.54 -8.06 6.04
C LYS B 89 7.60 -7.09 7.22
N VAL B 90 7.38 -5.79 6.97
CA VAL B 90 7.49 -4.81 8.05
C VAL B 90 6.37 -5.00 9.06
N VAL B 91 5.17 -5.20 8.52
CA VAL B 91 3.98 -5.48 9.37
C VAL B 91 4.26 -6.71 10.23
N GLN B 92 4.83 -7.73 9.59
CA GLN B 92 5.24 -8.94 10.28
C GLN B 92 6.13 -8.56 11.45
N THR B 93 7.26 -7.92 11.13
CA THR B 93 8.27 -7.54 12.13
C THR B 93 7.67 -6.69 13.27
N ALA B 94 6.77 -5.78 12.93
CA ALA B 94 6.21 -4.89 13.95
C ALA B 94 5.56 -5.55 15.16
N HIS B 95 5.05 -6.77 15.02
CA HIS B 95 4.42 -7.49 16.15
C HIS B 95 5.41 -7.72 17.28
N GLU B 96 6.69 -7.87 16.94
CA GLU B 96 7.74 -8.08 17.95
C GLU B 96 8.18 -6.84 18.71
N TYR B 97 7.69 -5.66 18.34
CA TYR B 97 8.15 -4.39 18.94
C TYR B 97 7.02 -3.66 19.66
N ASP B 98 7.35 -2.72 20.54
CA ASP B 98 6.33 -1.95 21.27
C ASP B 98 5.97 -0.67 20.55
N LEU B 99 6.82 -0.22 19.65
CA LEU B 99 6.69 1.11 19.08
C LEU B 99 7.37 1.18 17.74
N ILE B 100 6.72 1.85 16.81
CA ILE B 100 7.26 2.01 15.47
C ILE B 100 7.61 3.45 15.39
N TYR B 101 8.83 3.73 14.93
CA TYR B 101 9.35 5.10 14.87
C TYR B 101 9.75 5.37 13.46
N ALA B 102 8.93 6.14 12.75
CA ALA B 102 9.15 6.39 11.35
C ALA B 102 9.99 7.66 11.18
N ASN B 103 11.07 7.55 10.40
CA ASN B 103 12.04 8.63 10.23
C ASN B 103 12.04 9.32 8.87
N THR B 104 11.30 8.80 7.90
CA THR B 104 11.18 9.41 6.59
C THR B 104 9.74 9.26 6.10
N GLN B 105 9.43 9.89 4.98
CA GLN B 105 8.07 9.90 4.48
C GLN B 105 7.55 8.50 4.09
N LYS B 106 8.31 7.77 3.27
CA LYS B 106 7.90 6.42 2.87
C LYS B 106 7.81 5.52 4.06
N ALA B 107 8.67 5.78 5.05
CA ALA B 107 8.61 4.99 6.27
C ALA B 107 7.36 5.30 7.05
N LEU B 108 6.77 6.47 6.82
CA LEU B 108 5.54 6.81 7.52
C LEU B 108 4.38 6.05 6.84
N VAL B 109 4.42 5.92 5.52
CA VAL B 109 3.40 5.16 4.81
C VAL B 109 3.37 3.74 5.38
N VAL B 110 4.52 3.11 5.37
CA VAL B 110 4.65 1.74 5.81
C VAL B 110 4.43 1.60 7.29
N GLY B 111 4.94 2.56 8.07
CA GLY B 111 4.79 2.45 9.52
C GLY B 111 3.35 2.65 9.95
N ALA B 112 2.64 3.48 9.19
CA ALA B 112 1.22 3.73 9.42
C ALA B 112 0.43 2.42 9.21
N ILE B 113 0.63 1.80 8.06
CA ILE B 113 0.03 0.52 7.78
C ILE B 113 0.37 -0.45 8.92
N ALA B 114 1.64 -0.65 9.20
CA ALA B 114 2.00 -1.53 10.31
C ALA B 114 1.44 -1.11 11.66
N SER B 115 1.27 0.18 11.91
CA SER B 115 0.74 0.59 13.21
C SER B 115 -0.69 0.05 13.37
N PHE B 116 -1.44 0.14 12.27
CA PHE B 116 -2.84 -0.24 12.23
C PHE B 116 -3.00 -1.74 12.37
N ILE B 117 -2.34 -2.48 11.49
CA ILE B 117 -2.45 -3.91 11.48
C ILE B 117 -1.90 -4.54 12.75
N ALA B 118 -0.66 -4.18 13.12
CA ALA B 118 -0.04 -4.82 14.27
C ALA B 118 -0.48 -4.25 15.59
N ARG B 119 -1.24 -3.16 15.56
CA ARG B 119 -1.76 -2.56 16.79
C ARG B 119 -0.61 -2.06 17.65
N ARG B 120 0.22 -1.21 17.06
CA ARG B 120 1.38 -0.63 17.73
C ARG B 120 1.40 0.87 17.50
N PRO B 121 1.70 1.65 18.55
CA PRO B 121 1.71 3.09 18.36
C PRO B 121 2.87 3.50 17.46
N LEU B 122 2.68 4.64 16.83
CA LEU B 122 3.57 5.14 15.82
C LEU B 122 4.04 6.53 16.21
N VAL B 123 5.34 6.77 16.04
CA VAL B 123 5.95 8.10 16.09
C VAL B 123 6.48 8.47 14.73
N TYR B 124 6.28 9.71 14.34
CA TYR B 124 6.83 10.23 13.11
C TYR B 124 7.88 11.32 13.45
N HIS B 125 9.12 11.14 12.99
CA HIS B 125 10.17 12.10 13.21
C HIS B 125 10.32 12.80 11.89
N LEU B 126 10.03 14.10 11.92
CA LEU B 126 9.84 14.88 10.75
C LEU B 126 11.12 15.71 10.54
N HIS B 127 11.87 15.33 9.50
CA HIS B 127 13.13 15.96 9.14
C HIS B 127 12.95 16.86 7.95
N ASP B 128 11.76 16.89 7.39
CA ASP B 128 11.47 17.70 6.21
C ASP B 128 10.61 18.92 6.52
N ILE B 129 10.63 19.86 5.58
CA ILE B 129 9.70 20.95 5.57
C ILE B 129 8.66 20.57 4.52
N LEU B 130 7.45 20.27 4.98
CA LEU B 130 6.39 19.77 4.09
C LEU B 130 5.72 20.95 3.46
N SER B 131 6.30 21.44 2.38
CA SER B 131 5.78 22.62 1.73
C SER B 131 5.81 22.35 0.25
N PRO B 132 5.02 23.10 -0.53
CA PRO B 132 4.96 22.92 -1.97
C PRO B 132 6.29 23.04 -2.64
N GLU B 133 7.16 23.88 -2.09
CA GLU B 133 8.50 24.10 -2.66
C GLU B 133 9.35 22.84 -2.56
N HIS B 134 9.19 22.08 -1.48
CA HIS B 134 9.97 20.86 -1.30
C HIS B 134 9.32 19.57 -1.84
N PHE B 135 8.00 19.53 -1.99
CA PHE B 135 7.31 18.27 -2.30
C PHE B 135 6.08 18.47 -3.15
N SER B 136 5.72 17.39 -3.85
CA SER B 136 4.46 17.31 -4.63
C SER B 136 3.27 17.41 -3.70
N GLN B 137 2.16 17.91 -4.23
CA GLN B 137 0.90 17.87 -3.48
C GLN B 137 0.52 16.49 -2.89
N THR B 138 0.68 15.45 -3.68
CA THR B 138 0.31 14.11 -3.25
C THR B 138 1.10 13.74 -2.02
N ASN B 139 2.40 14.00 -2.07
CA ASN B 139 3.27 13.69 -0.93
C ASN B 139 2.85 14.45 0.32
N LEU B 140 2.48 15.72 0.15
CA LEU B 140 2.04 16.51 1.30
C LEU B 140 0.77 15.94 1.89
N ARG B 141 -0.20 15.62 1.04
CA ARG B 141 -1.47 15.05 1.52
C ARG B 141 -1.23 13.71 2.20
N VAL B 142 -0.44 12.86 1.58
CA VAL B 142 -0.21 11.55 2.20
C VAL B 142 0.40 11.74 3.57
N ALA B 143 1.48 12.52 3.64
CA ALA B 143 2.20 12.71 4.92
C ALA B 143 1.30 13.28 5.97
N VAL B 144 0.59 14.35 5.65
CA VAL B 144 -0.28 14.98 6.65
C VAL B 144 -1.39 14.06 7.14
N ASN B 145 -2.11 13.44 6.19
CA ASN B 145 -3.24 12.59 6.57
C ASN B 145 -2.81 11.37 7.39
N LEU B 146 -1.75 10.69 6.97
CA LEU B 146 -1.25 9.58 7.75
C LEU B 146 -0.78 9.96 9.16
N ALA B 147 -0.10 11.10 9.26
CA ALA B 147 0.43 11.51 10.57
C ALA B 147 -0.75 11.80 11.44
N ASN B 148 -1.66 12.57 10.88
CA ASN B 148 -2.86 13.01 11.62
C ASN B 148 -3.67 11.84 12.11
N ARG B 149 -3.84 10.83 11.27
CA ARG B 149 -4.69 9.71 11.64
C ARG B 149 -3.95 8.71 12.48
N PHE B 150 -2.69 8.42 12.14
CA PHE B 150 -2.00 7.31 12.82
C PHE B 150 -0.93 7.63 13.85
N ALA B 151 -0.26 8.78 13.73
CA ALA B 151 0.88 9.10 14.63
C ALA B 151 0.41 9.59 16.00
N SER B 152 0.92 8.99 17.06
CA SER B 152 0.64 9.51 18.40
C SER B 152 1.48 10.75 18.70
N LEU B 153 2.51 10.98 17.88
CA LEU B 153 3.42 12.08 18.09
C LEU B 153 4.22 12.35 16.83
N VAL B 154 4.36 13.64 16.52
CA VAL B 154 5.23 14.13 15.47
C VAL B 154 6.37 14.96 16.07
N ILE B 155 7.58 14.38 16.09
CA ILE B 155 8.76 15.08 16.57
C ILE B 155 9.30 15.83 15.39
N ALA B 156 9.28 17.15 15.43
CA ALA B 156 9.86 17.95 14.35
C ALA B 156 11.29 18.41 14.70
N ASN B 157 12.13 18.59 13.67
CA ASN B 157 13.54 18.87 13.90
C ASN B 157 13.79 20.37 14.16
N SER B 158 12.75 21.17 13.95
CA SER B 158 12.89 22.60 14.01
C SER B 158 11.51 23.23 14.08
N GLN B 159 11.44 24.46 14.53
CA GLN B 159 10.19 25.18 14.51
C GLN B 159 9.72 25.39 13.13
N ALA B 160 10.64 25.54 12.20
CA ALA B 160 10.24 25.77 10.81
C ALA B 160 9.57 24.50 10.22
N SER B 161 9.99 23.32 10.67
CA SER B 161 9.39 22.07 10.20
C SER B 161 8.01 21.90 10.83
N GLN B 162 7.92 22.14 12.13
CA GLN B 162 6.65 22.19 12.86
C GLN B 162 5.63 23.11 12.18
N THR B 163 6.09 24.28 11.87
CA THR B 163 5.28 25.27 11.19
C THR B 163 4.76 24.80 9.87
N ALA B 164 5.65 24.28 9.03
CA ALA B 164 5.26 23.87 7.69
C ALA B 164 4.25 22.70 7.79
N PHE B 165 4.46 21.81 8.75
CA PHE B 165 3.58 20.69 8.98
C PHE B 165 2.15 21.21 9.25
N ILE B 166 2.06 22.12 10.22
CA ILE B 166 0.80 22.72 10.62
C ILE B 166 0.18 23.49 9.48
N GLN B 167 0.97 24.22 8.74
CA GLN B 167 0.42 24.96 7.60
C GLN B 167 -0.11 24.02 6.53
N ALA B 168 0.35 22.76 6.51
CA ALA B 168 -0.08 21.83 5.43
C ALA B 168 -1.31 21.03 5.86
N GLY B 169 -1.81 21.27 7.08
CA GLY B 169 -2.95 20.55 7.61
C GLY B 169 -2.61 19.69 8.80
N GLY B 170 -1.33 19.59 9.17
CA GLY B 170 -0.95 18.74 10.27
C GLY B 170 -1.48 19.25 11.59
N ARG B 171 -1.73 18.34 12.50
CA ARG B 171 -2.35 18.68 13.76
C ARG B 171 -1.32 19.15 14.76
N ALA B 172 -1.39 20.45 15.06
CA ALA B 172 -0.45 21.11 15.95
C ALA B 172 -0.22 20.36 17.24
N GLU B 173 -1.29 19.81 17.80
CA GLU B 173 -1.18 19.18 19.13
C GLU B 173 -0.39 17.88 19.11
N LEU B 174 -0.09 17.37 17.91
CA LEU B 174 0.79 16.19 17.80
C LEU B 174 2.29 16.52 17.88
N THR B 175 2.63 17.81 17.72
CA THR B 175 4.00 18.25 17.49
C THR B 175 4.74 18.62 18.77
N LYS B 176 6.02 18.24 18.77
CA LYS B 176 7.04 18.65 19.72
C LYS B 176 8.31 18.86 18.90
N VAL B 177 9.00 19.98 19.15
CA VAL B 177 10.28 20.24 18.48
C VAL B 177 11.43 19.69 19.31
N ILE B 178 12.26 18.89 18.68
CA ILE B 178 13.46 18.35 19.30
C ILE B 178 14.54 18.42 18.23
N TYR B 179 15.53 19.28 18.48
CA TYR B 179 16.65 19.52 17.57
C TYR B 179 17.53 18.27 17.39
N ASN B 180 18.33 18.21 16.32
CA ASN B 180 19.35 17.16 16.24
C ASN B 180 20.39 17.33 17.35
N GLY B 181 20.86 16.21 17.87
CA GLY B 181 21.90 16.21 18.85
C GLY B 181 23.26 15.81 18.26
N PHE B 182 24.34 16.26 18.92
CA PHE B 182 25.70 15.94 18.48
C PHE B 182 26.63 15.58 19.62
N ASP B 183 27.56 14.68 19.34
CA ASP B 183 28.60 14.25 20.30
C ASP B 183 29.70 15.33 20.29
N ILE B 184 29.68 16.15 21.32
CA ILE B 184 30.54 17.33 21.42
C ILE B 184 32.03 16.98 21.30
N ASN B 185 32.40 15.81 21.81
CA ASN B 185 33.80 15.39 21.80
C ASN B 185 34.38 15.11 20.41
N LEU B 186 33.52 14.84 19.43
CA LEU B 186 33.99 14.48 18.10
C LEU B 186 34.49 15.68 17.33
N TYR B 187 34.31 16.89 17.86
CA TYR B 187 34.64 18.09 17.07
C TYR B 187 35.97 18.77 17.43
N LYS B 188 36.85 18.03 18.13
CA LYS B 188 38.23 18.48 18.44
C LYS B 188 39.22 17.96 17.41
N THR B 189 40.00 18.86 16.82
CA THR B 189 41.08 18.50 15.89
C THR B 189 42.42 19.26 16.19
N SER B 190 43.53 18.52 16.36
CA SER B 190 44.88 19.12 16.56
C SER B 190 45.20 20.17 15.52
N PRO B 191 45.90 21.23 15.91
CA PRO B 191 46.38 22.20 14.90
C PRO B 191 47.37 21.60 13.89
N SER B 192 48.05 20.51 14.28
CA SER B 192 48.98 19.79 13.39
C SER B 192 48.22 18.94 12.34
N ASP B 193 47.30 18.08 12.81
CA ASP B 193 46.36 17.37 11.91
C ASP B 193 45.69 18.36 10.94
N ILE B 194 45.35 19.54 11.43
CA ILE B 194 44.79 20.58 10.57
C ILE B 194 45.77 21.03 9.49
N SER B 195 47.01 21.32 9.87
CA SER B 195 48.05 21.74 8.91
C SER B 195 48.31 20.64 7.89
N LYS B 196 48.52 19.41 8.36
CA LYS B 196 48.67 18.25 7.46
C LYS B 196 47.56 18.28 6.42
N LEU B 197 46.31 18.32 6.90
CA LEU B 197 45.14 18.22 6.03
C LEU B 197 45.05 19.33 4.99
N ARG B 198 45.29 20.57 5.39
CA ARG B 198 45.26 21.68 4.42
C ARG B 198 46.35 21.47 3.35
N GLN B 199 47.46 20.86 3.77
CA GLN B 199 48.61 20.61 2.90
C GLN B 199 48.20 19.54 1.90
N GLN B 200 47.77 18.39 2.41
CA GLN B 200 47.27 17.28 1.59
C GLN B 200 46.23 17.72 0.59
N LEU B 201 45.47 18.78 0.88
CA LEU B 201 44.47 19.25 -0.07
C LEU B 201 45.03 20.27 -1.00
N GLY B 202 46.27 20.72 -0.74
CA GLY B 202 46.88 21.77 -1.54
C GLY B 202 46.24 23.14 -1.31
N VAL B 203 45.83 23.42 -0.06
CA VAL B 203 45.12 24.68 0.23
C VAL B 203 45.72 25.51 1.39
N ALA B 204 46.92 25.16 1.83
CA ALA B 204 47.55 25.82 2.99
C ALA B 204 47.69 27.34 2.84
N ASN B 205 47.76 27.84 1.61
CA ASN B 205 47.85 29.29 1.41
C ASN B 205 46.59 30.00 0.99
N ASN B 206 45.46 29.31 1.07
CA ASN B 206 44.18 29.87 0.66
C ASN B 206 43.30 30.22 1.84
N PHE B 207 42.35 31.10 1.58
CA PHE B 207 41.18 31.21 2.42
C PHE B 207 40.14 30.15 1.96
N VAL B 208 39.92 29.14 2.78
CA VAL B 208 39.11 28.01 2.36
C VAL B 208 37.68 28.08 2.84
N VAL B 209 36.76 28.16 1.87
CA VAL B 209 35.31 28.04 2.13
C VAL B 209 34.82 26.62 1.86
N GLY B 210 34.45 25.91 2.93
CA GLY B 210 33.93 24.56 2.81
C GLY B 210 32.40 24.51 2.77
N HIS B 211 31.88 23.67 1.88
CA HIS B 211 30.45 23.39 1.71
C HIS B 211 30.30 21.90 1.97
N PHE B 212 29.35 21.50 2.83
CA PHE B 212 29.23 20.13 3.26
C PHE B 212 27.84 19.54 3.02
N SER B 213 27.11 20.11 2.08
CA SER B 213 25.81 19.58 1.75
C SER B 213 25.92 18.52 0.63
N ARG B 214 24.99 17.58 0.64
CA ARG B 214 24.84 16.68 -0.49
C ARG B 214 24.63 17.51 -1.75
N LEU B 215 24.91 16.90 -2.89
CA LEU B 215 24.77 17.59 -4.16
C LEU B 215 23.34 17.47 -4.69
N SER B 216 22.52 18.47 -4.42
CA SER B 216 21.21 18.59 -5.08
C SER B 216 21.07 20.03 -5.44
N PRO B 217 20.24 20.31 -6.43
CA PRO B 217 20.09 21.71 -6.79
C PRO B 217 19.68 22.60 -5.62
N TRP B 218 18.80 22.14 -4.76
CA TRP B 218 18.32 23.02 -3.71
C TRP B 218 19.33 23.25 -2.58
N LYS B 219 20.42 22.48 -2.56
CA LYS B 219 21.48 22.70 -1.58
C LYS B 219 22.43 23.83 -1.99
N GLY B 220 22.31 24.27 -3.22
CA GLY B 220 22.88 25.51 -3.65
C GLY B 220 24.37 25.64 -3.79
N GLN B 221 25.05 24.55 -4.16
CA GLN B 221 26.48 24.60 -4.41
C GLN B 221 26.78 25.64 -5.50
N HIS B 222 25.87 25.76 -6.47
CA HIS B 222 26.08 26.71 -7.57
C HIS B 222 26.11 28.19 -7.14
N ILE B 223 25.48 28.51 -6.02
CA ILE B 223 25.53 29.86 -5.46
C ILE B 223 26.95 30.13 -4.93
N LEU B 224 27.51 29.19 -4.19
CA LEU B 224 28.85 29.37 -3.70
C LEU B 224 29.82 29.55 -4.86
N ILE B 225 29.63 28.81 -5.93
CA ILE B 225 30.56 28.90 -7.06
C ILE B 225 30.45 30.26 -7.71
N ASP B 226 29.24 30.75 -7.91
CA ASP B 226 29.06 32.13 -8.43
C ASP B 226 29.74 33.17 -7.53
N ALA B 227 29.69 32.94 -6.22
CA ALA B 227 30.25 33.86 -5.25
C ALA B 227 31.78 33.97 -5.38
N LEU B 228 32.42 32.85 -5.70
CA LEU B 228 33.86 32.79 -5.81
C LEU B 228 34.41 33.70 -6.90
N ALA B 229 33.62 33.93 -7.95
CA ALA B 229 33.98 34.82 -9.04
C ALA B 229 34.03 36.31 -8.58
N GLN B 230 33.47 36.59 -7.40
CA GLN B 230 33.49 37.92 -6.77
C GLN B 230 34.41 37.96 -5.57
N CYS B 231 35.28 36.97 -5.48
CA CYS B 231 36.24 36.89 -4.41
C CYS B 231 37.62 36.92 -5.03
N PRO B 232 38.62 37.34 -4.24
CA PRO B 232 40.00 37.33 -4.72
C PRO B 232 40.51 35.89 -4.84
N PRO B 233 41.54 35.69 -5.67
CA PRO B 233 41.94 34.36 -6.12
C PRO B 233 42.52 33.40 -5.09
N GLN B 234 42.93 33.90 -3.91
CA GLN B 234 43.39 32.98 -2.87
C GLN B 234 42.20 32.35 -2.12
N VAL B 235 40.98 32.73 -2.52
CA VAL B 235 39.79 32.11 -1.99
C VAL B 235 39.47 30.89 -2.82
N THR B 236 39.51 29.72 -2.18
CA THR B 236 39.10 28.47 -2.82
C THR B 236 37.95 27.75 -2.03
N ALA B 237 37.23 26.86 -2.72
CA ALA B 237 36.14 26.11 -2.13
C ALA B 237 36.42 24.63 -2.14
N ILE B 238 36.14 23.96 -1.05
CA ILE B 238 35.95 22.53 -1.12
C ILE B 238 34.46 22.15 -0.96
N LEU B 239 33.95 21.46 -1.98
CA LEU B 239 32.60 20.86 -1.97
C LEU B 239 32.70 19.43 -1.55
N VAL B 240 32.19 19.16 -0.34
CA VAL B 240 32.21 17.86 0.27
C VAL B 240 30.79 17.33 0.28
N GLY B 241 30.63 16.09 -0.20
CA GLY B 241 29.32 15.48 -0.44
C GLY B 241 29.24 14.73 -1.75
N ASP B 242 28.10 14.10 -1.99
CA ASP B 242 27.86 13.36 -3.24
C ASP B 242 26.43 13.57 -3.65
N ALA B 243 26.13 13.35 -4.93
CA ALA B 243 24.73 13.19 -5.36
C ALA B 243 24.19 11.86 -4.83
N LEU B 244 23.32 11.89 -3.83
CA LEU B 244 22.85 10.67 -3.14
C LEU B 244 21.54 10.13 -3.72
N PHE B 245 20.89 10.94 -4.57
CA PHE B 245 19.54 10.65 -5.03
C PHE B 245 19.39 10.92 -6.52
N GLY B 246 20.42 10.55 -7.29
CA GLY B 246 20.37 10.58 -8.77
C GLY B 246 20.59 11.92 -9.43
N GLU B 247 21.23 12.86 -8.74
CA GLU B 247 21.36 14.23 -9.28
C GLU B 247 22.66 14.40 -10.11
N GLN B 248 22.92 13.43 -10.98
CA GLN B 248 24.12 13.41 -11.79
C GLN B 248 24.14 14.55 -12.78
N ASP B 249 22.97 14.97 -13.23
CA ASP B 249 22.84 16.17 -14.07
C ASP B 249 23.30 17.41 -13.35
N TYR B 250 22.99 17.50 -12.05
CA TYR B 250 23.47 18.62 -11.26
C TYR B 250 25.00 18.60 -11.15
N VAL B 251 25.57 17.42 -10.91
CA VAL B 251 27.01 17.29 -10.87
C VAL B 251 27.70 17.81 -12.14
N LYS B 252 27.08 17.53 -13.28
CA LYS B 252 27.60 18.01 -14.55
C LYS B 252 27.48 19.52 -14.59
N GLU B 253 26.28 20.03 -14.32
CA GLU B 253 26.05 21.47 -14.34
C GLU B 253 27.09 22.21 -13.50
N LEU B 254 27.41 21.67 -12.34
CA LEU B 254 28.38 22.34 -11.48
C LEU B 254 29.71 22.40 -12.20
N HIS B 255 30.17 21.24 -12.69
CA HIS B 255 31.44 21.18 -13.39
C HIS B 255 31.51 22.13 -14.58
N GLN B 256 30.44 22.18 -15.36
CA GLN B 256 30.34 23.11 -16.49
C GLN B 256 30.44 24.57 -16.02
N GLN B 257 29.68 24.91 -14.98
CA GLN B 257 29.72 26.22 -14.36
C GLN B 257 31.18 26.58 -14.01
N ILE B 258 31.84 25.68 -13.31
CA ILE B 258 33.23 25.85 -12.91
C ILE B 258 34.13 26.17 -14.10
N THR B 259 33.90 25.46 -15.21
CA THR B 259 34.65 25.65 -16.45
C THR B 259 34.27 26.98 -17.12
N ARG B 260 33.00 27.34 -17.09
CA ARG B 260 32.56 28.57 -17.72
C ARG B 260 33.21 29.77 -17.05
N LEU B 261 33.26 29.75 -15.73
CA LEU B 261 33.97 30.79 -15.00
C LEU B 261 35.39 30.29 -15.00
N GLY B 262 36.32 30.95 -14.35
CA GLY B 262 37.70 30.48 -14.52
C GLY B 262 38.14 29.50 -13.47
N LEU B 263 37.25 28.68 -12.94
CA LEU B 263 37.44 28.23 -11.55
C LEU B 263 38.04 26.85 -11.28
N GLU B 264 38.44 26.17 -12.34
CA GLU B 264 39.13 24.86 -12.28
C GLU B 264 40.12 24.75 -11.11
N ASN B 265 40.89 25.80 -10.88
CA ASN B 265 41.93 25.71 -9.87
C ASN B 265 41.46 26.06 -8.46
N ARG B 266 40.23 26.56 -8.35
CA ARG B 266 39.77 27.12 -7.10
C ARG B 266 38.59 26.38 -6.44
N VAL B 267 38.05 25.38 -7.12
CA VAL B 267 37.02 24.50 -6.54
C VAL B 267 37.47 23.05 -6.58
N LYS B 268 37.37 22.34 -5.47
CA LYS B 268 37.64 20.91 -5.43
C LYS B 268 36.46 20.12 -4.83
N PHE B 269 36.09 19.02 -5.48
CA PHE B 269 35.10 18.11 -4.95
C PHE B 269 35.83 16.97 -4.29
N LEU B 270 35.44 16.59 -3.09
CA LEU B 270 36.01 15.43 -2.43
C LEU B 270 35.09 14.20 -2.36
N GLY B 271 33.88 14.31 -2.87
CA GLY B 271 32.91 13.25 -2.67
C GLY B 271 32.49 13.07 -1.22
N PHE B 272 31.85 11.95 -0.92
CA PHE B 272 31.32 11.75 0.39
C PHE B 272 32.42 11.40 1.33
N ARG B 273 32.61 12.20 2.37
CA ARG B 273 33.68 11.99 3.33
C ARG B 273 33.12 11.68 4.69
N ALA B 274 33.87 10.89 5.45
CA ALA B 274 33.55 10.62 6.84
C ALA B 274 34.25 11.59 7.81
N ASP B 275 35.30 12.28 7.37
CA ASP B 275 36.15 13.08 8.30
C ASP B 275 35.72 14.54 8.31
N ILE B 276 34.46 14.77 8.64
CA ILE B 276 33.85 16.10 8.57
C ILE B 276 34.36 17.11 9.61
N PRO B 277 34.49 16.71 10.87
CA PRO B 277 35.07 17.63 11.87
C PRO B 277 36.44 18.14 11.38
N GLN B 278 37.26 17.23 10.84
CA GLN B 278 38.66 17.54 10.47
C GLN B 278 38.66 18.47 9.31
N LEU B 279 37.83 18.14 8.33
CA LEU B 279 37.68 18.99 7.13
C LEU B 279 37.13 20.36 7.45
N MET B 280 36.27 20.40 8.45
CA MET B 280 35.68 21.68 8.85
C MET B 280 36.78 22.50 9.51
N ALA B 281 37.56 21.88 10.37
CA ALA B 281 38.73 22.52 10.97
C ALA B 281 39.69 23.12 9.93
N ALA B 282 39.83 22.44 8.79
CA ALA B 282 40.75 22.86 7.75
C ALA B 282 40.20 23.96 6.89
N CYS B 283 38.94 24.29 7.05
CA CYS B 283 38.41 25.46 6.35
C CYS B 283 38.63 26.73 7.15
N ASP B 284 38.37 27.86 6.52
CA ASP B 284 38.37 29.11 7.20
C ASP B 284 36.94 29.60 7.42
N LEU B 285 36.05 29.26 6.49
CA LEU B 285 34.63 29.54 6.57
C LEU B 285 33.79 28.34 6.07
N VAL B 286 32.82 27.88 6.86
CA VAL B 286 31.83 26.93 6.36
C VAL B 286 30.61 27.64 5.76
N ALA B 287 30.23 27.25 4.56
CA ALA B 287 29.10 27.86 3.86
C ALA B 287 27.92 26.86 3.65
N HIS B 288 26.73 27.29 4.09
CA HIS B 288 25.45 26.65 3.84
C HIS B 288 24.71 27.64 2.96
N THR B 289 24.23 27.17 1.80
CA THR B 289 23.72 28.02 0.75
C THR B 289 22.44 27.51 0.07
N SER B 290 21.67 26.68 0.77
CA SER B 290 20.45 26.09 0.22
C SER B 290 19.52 27.17 -0.35
N THR B 291 19.03 26.93 -1.56
CA THR B 291 18.11 27.85 -2.22
C THR B 291 16.65 27.55 -1.89
N ALA B 292 16.36 26.53 -1.07
CA ALA B 292 15.00 26.31 -0.57
C ALA B 292 15.14 26.15 0.88
N PRO B 293 14.08 26.44 1.64
CA PRO B 293 14.32 26.50 3.08
C PRO B 293 14.88 25.24 3.68
N GLU B 294 15.88 25.38 4.53
CA GLU B 294 16.50 24.26 5.20
C GLU B 294 15.72 23.88 6.46
N PRO B 295 15.36 22.62 6.59
CA PRO B 295 14.62 22.24 7.78
C PRO B 295 15.36 22.40 9.08
N PHE B 296 16.62 22.02 9.14
CA PHE B 296 17.41 22.23 10.32
C PHE B 296 18.78 22.71 9.92
N GLY B 297 19.56 21.84 9.29
CA GLY B 297 20.88 22.16 8.83
C GLY B 297 22.00 21.72 9.73
N ARG B 298 22.35 20.45 9.64
CA ARG B 298 23.35 19.84 10.48
C ARG B 298 24.71 20.46 10.31
N VAL B 299 25.06 20.81 9.10
CA VAL B 299 26.37 21.32 8.81
C VAL B 299 26.60 22.58 9.59
N ILE B 300 25.56 23.37 9.72
CA ILE B 300 25.61 24.65 10.40
C ILE B 300 26.05 24.46 11.84
N VAL B 301 25.37 23.59 12.55
CA VAL B 301 25.69 23.34 13.94
C VAL B 301 27.07 22.70 14.08
N GLU B 302 27.39 21.90 13.08
CA GLU B 302 28.64 21.14 13.07
C GLU B 302 29.81 22.13 12.95
N ALA B 303 29.66 23.08 12.04
CA ALA B 303 30.60 24.14 11.92
C ALA B 303 30.78 24.81 13.31
N MET B 304 29.67 25.24 13.90
CA MET B 304 29.71 25.90 15.18
C MET B 304 30.41 25.06 16.21
N LEU B 305 30.17 23.76 16.22
CA LEU B 305 30.83 22.93 17.22
C LEU B 305 32.35 22.81 17.00
N CYS B 306 32.81 23.04 15.77
CA CYS B 306 34.23 23.02 15.42
C CYS B 306 34.89 24.39 15.71
N GLY B 307 34.12 25.34 16.22
CA GLY B 307 34.57 26.69 16.41
C GLY B 307 34.90 27.42 15.13
N LYS B 308 34.20 27.11 14.05
CA LYS B 308 34.40 27.82 12.80
C LYS B 308 33.26 28.75 12.57
N PRO B 309 33.51 29.83 11.82
CA PRO B 309 32.45 30.72 11.41
C PRO B 309 31.68 30.09 10.29
N VAL B 310 30.39 30.41 10.22
CA VAL B 310 29.52 29.83 9.24
C VAL B 310 28.58 30.88 8.72
N VAL B 311 28.42 30.92 7.40
CA VAL B 311 27.39 31.69 6.76
C VAL B 311 26.31 30.71 6.24
N ALA B 312 25.06 31.03 6.49
CA ALA B 312 23.94 30.16 6.10
C ALA B 312 22.86 30.96 5.42
N ALA B 313 21.98 30.28 4.71
CA ALA B 313 20.92 30.95 3.97
C ALA B 313 19.74 31.27 4.90
N LYS B 314 19.23 32.49 4.78
CA LYS B 314 18.29 33.06 5.74
C LYS B 314 16.88 32.55 5.43
N ALA B 315 16.59 31.35 5.91
CA ALA B 315 15.30 30.66 5.74
C ALA B 315 15.31 29.40 6.58
N GLY B 316 14.11 28.97 6.94
CA GLY B 316 13.90 27.67 7.55
C GLY B 316 14.54 27.62 8.89
N GLY B 317 15.02 26.45 9.27
CA GLY B 317 15.60 26.25 10.57
C GLY B 317 16.93 26.98 10.75
N ALA B 318 17.52 27.47 9.68
CA ALA B 318 18.80 28.15 9.79
C ALA B 318 18.63 29.38 10.71
N MET B 319 17.45 29.98 10.66
CA MET B 319 17.18 31.19 11.43
C MET B 319 17.01 30.91 12.88
N GLU B 320 16.79 29.68 13.26
CA GLU B 320 16.75 29.35 14.68
C GLU B 320 18.11 29.09 15.21
N LEU B 321 18.99 28.73 14.28
CA LEU B 321 20.33 28.33 14.65
C LEU B 321 21.27 29.53 14.71
N VAL B 322 21.07 30.47 13.80
CA VAL B 322 21.98 31.54 13.61
C VAL B 322 21.30 32.89 13.88
N GLU B 323 21.86 33.62 14.84
CA GLU B 323 21.69 35.06 14.97
C GLU B 323 22.84 35.78 14.24
N HIS B 324 22.48 36.49 13.20
CA HIS B 324 23.46 37.15 12.38
C HIS B 324 24.35 38.16 13.14
N GLY B 325 25.67 38.05 12.97
CA GLY B 325 26.64 38.95 13.60
C GLY B 325 27.04 38.48 14.98
N VAL B 326 26.41 37.43 15.44
CA VAL B 326 26.59 36.98 16.82
C VAL B 326 27.18 35.57 16.88
N ASN B 327 26.53 34.59 16.23
CA ASN B 327 27.07 33.23 16.19
C ASN B 327 27.21 32.72 14.77
N GLY B 328 26.98 33.59 13.80
CA GLY B 328 27.25 33.21 12.45
C GLY B 328 26.71 34.31 11.60
N PHE B 329 26.61 34.06 10.29
CA PHE B 329 26.09 35.02 9.34
C PHE B 329 24.94 34.38 8.56
N LEU B 330 24.06 35.22 8.03
CA LEU B 330 22.89 34.80 7.29
C LEU B 330 22.80 35.68 6.09
N THR B 331 22.45 35.11 4.93
CA THR B 331 22.33 35.87 3.71
C THR B 331 21.09 35.41 2.98
N THR B 332 20.69 36.19 1.99
CA THR B 332 19.46 35.94 1.31
C THR B 332 19.60 34.72 0.40
N PRO B 333 18.65 33.76 0.52
CA PRO B 333 18.77 32.56 -0.31
C PRO B 333 18.88 32.94 -1.79
N GLY B 334 19.85 32.34 -2.48
CA GLY B 334 19.98 32.46 -3.93
C GLY B 334 20.83 33.65 -4.42
N GLU B 335 21.44 34.40 -3.49
CA GLU B 335 22.15 35.68 -3.79
C GLU B 335 23.63 35.52 -3.57
N SER B 336 24.37 35.37 -4.65
CA SER B 336 25.80 35.09 -4.54
C SER B 336 26.60 36.31 -4.09
N GLN B 337 26.15 37.51 -4.48
CA GLN B 337 26.89 38.73 -4.13
C GLN B 337 26.90 38.91 -2.61
N GLU B 338 25.74 38.73 -1.97
CA GLU B 338 25.69 38.79 -0.52
C GLU B 338 26.66 37.81 0.14
N LEU B 339 26.72 36.61 -0.42
CA LEU B 339 27.58 35.57 0.11
C LEU B 339 29.08 35.93 -0.09
N ALA B 340 29.40 36.43 -1.28
CA ALA B 340 30.73 37.06 -1.52
C ALA B 340 31.09 38.11 -0.47
N ASN B 341 30.18 39.07 -0.26
CA ASN B 341 30.45 40.18 0.69
C ASN B 341 30.80 39.66 2.07
N ILE B 342 30.17 38.54 2.46
CA ILE B 342 30.45 37.94 3.77
C ILE B 342 31.78 37.20 3.80
N ILE B 343 32.20 36.68 2.67
CA ILE B 343 33.47 36.01 2.58
C ILE B 343 34.56 37.08 2.72
N ASN B 344 34.44 38.14 1.92
CA ASN B 344 35.39 39.26 1.99
C ASN B 344 35.46 39.87 3.39
N THR B 345 34.31 40.11 3.99
CA THR B 345 34.26 40.55 5.37
C THR B 345 34.98 39.63 6.31
N CYS B 346 34.92 38.32 6.09
CA CYS B 346 35.60 37.38 7.00
C CYS B 346 37.12 37.39 6.84
N ILE B 347 37.56 37.76 5.63
CA ILE B 347 38.99 37.92 5.33
C ILE B 347 39.51 39.14 6.09
N GLU B 348 38.83 40.27 5.86
CA GLU B 348 39.16 41.57 6.45
C GLU B 348 39.03 41.62 7.98
N ASP B 349 37.92 41.16 8.55
CA ASP B 349 37.68 41.35 10.00
C ASP B 349 37.94 40.08 10.78
N THR B 350 39.20 39.67 10.82
CA THR B 350 39.57 38.37 11.40
C THR B 350 39.30 38.27 12.90
N GLN B 351 39.32 39.39 13.59
CA GLN B 351 39.18 39.35 15.04
C GLN B 351 37.70 39.20 15.43
N LYS B 352 36.81 39.94 14.76
CA LYS B 352 35.35 39.82 14.98
C LYS B 352 34.91 38.41 14.62
N THR B 353 35.21 38.04 13.38
CA THR B 353 34.98 36.73 12.87
C THR B 353 35.38 35.65 13.87
N ALA B 354 36.54 35.75 14.47
CA ALA B 354 36.95 34.66 15.39
C ALA B 354 36.15 34.70 16.66
N THR B 355 35.68 35.90 17.01
CA THR B 355 34.86 36.07 18.22
C THR B 355 33.47 35.43 17.98
N ILE B 356 32.85 35.81 16.87
CA ILE B 356 31.66 35.13 16.37
C ILE B 356 31.80 33.60 16.38
N ALA B 357 32.91 33.10 15.84
CA ALA B 357 33.07 31.66 15.69
C ALA B 357 33.14 31.04 17.07
N SER B 358 33.84 31.73 17.95
CA SER B 358 34.05 31.27 19.32
C SER B 358 32.75 31.34 20.17
N ASN B 359 31.95 32.37 19.93
CA ASN B 359 30.68 32.48 20.59
C ASN B 359 29.78 31.30 20.19
N ALA B 360 29.77 31.07 18.87
CA ALA B 360 29.01 29.98 18.26
C ALA B 360 29.31 28.66 18.94
N GLN B 361 30.58 28.37 19.18
CA GLN B 361 30.88 27.09 19.79
C GLN B 361 30.31 26.95 21.19
N ALA B 362 30.34 28.03 21.95
CA ALA B 362 29.90 27.97 23.36
C ALA B 362 28.41 27.70 23.39
N ILE B 363 27.67 28.44 22.56
CA ILE B 363 26.23 28.30 22.48
C ILE B 363 25.85 26.88 21.99
N ALA B 364 26.36 26.50 20.82
CA ALA B 364 25.93 25.29 20.18
C ALA B 364 26.22 24.09 21.05
N SER B 365 27.24 24.23 21.85
CA SER B 365 27.73 23.11 22.63
C SER B 365 26.80 22.83 23.83
N GLN B 366 26.08 23.84 24.26
CA GLN B 366 25.11 23.71 25.32
C GLN B 366 23.83 23.18 24.65
N ARG B 367 23.40 23.92 23.63
CA ARG B 367 22.09 23.78 22.99
C ARG B 367 21.88 22.45 22.20
N PHE B 368 22.90 21.91 21.53
CA PHE B 368 22.73 20.68 20.70
C PHE B 368 23.55 19.46 21.15
N ASP B 369 23.91 19.41 22.42
CA ASP B 369 24.60 18.25 23.00
C ASP B 369 23.67 17.04 22.91
N VAL B 370 24.10 16.00 22.20
CA VAL B 370 23.35 14.76 22.16
C VAL B 370 22.86 14.31 23.53
N VAL B 371 23.53 14.69 24.61
CA VAL B 371 23.08 14.25 25.95
C VAL B 371 21.74 14.88 26.30
N THR B 372 21.58 16.18 26.08
CA THR B 372 20.31 16.87 26.40
C THR B 372 19.28 16.29 25.47
N ILE B 373 19.65 16.12 24.21
CA ILE B 373 18.68 15.78 23.16
C ILE B 373 18.20 14.36 23.37
N ASN B 374 19.09 13.44 23.74
CA ASN B 374 18.66 12.10 24.06
C ASN B 374 17.71 12.11 25.23
N GLN B 375 17.93 13.03 26.14
CA GLN B 375 17.07 13.14 27.30
C GLN B 375 15.66 13.65 26.95
N GLN B 376 15.58 14.66 26.09
CA GLN B 376 14.30 15.17 25.58
C GLN B 376 13.52 14.07 24.86
N ILE B 377 14.22 13.27 24.06
CA ILE B 377 13.60 12.19 23.33
C ILE B 377 13.12 11.10 24.28
N ALA B 378 13.92 10.79 25.30
CA ALA B 378 13.51 9.74 26.24
C ALA B 378 12.26 10.13 27.04
N GLU B 379 12.15 11.38 27.46
CA GLU B 379 10.97 11.84 28.19
C GLU B 379 9.72 11.89 27.28
N THR B 380 9.93 12.28 26.03
CA THR B 380 8.84 12.33 25.09
C THR B 380 8.30 10.92 24.87
N LEU B 381 9.17 9.97 24.60
CA LEU B 381 8.73 8.62 24.36
C LEU B 381 8.06 8.09 25.64
N SER B 382 8.77 8.27 26.74
CA SER B 382 8.32 7.80 28.04
C SER B 382 6.91 8.25 28.39
N SER B 383 6.50 9.44 27.96
CA SER B 383 5.19 9.95 28.36
C SER B 383 4.02 9.62 27.38
N LEU B 384 4.14 8.52 26.64
CA LEU B 384 3.04 8.01 25.83
C LEU B 384 2.18 6.97 26.57
#